data_2D00
#
_entry.id   2D00
#
_cell.length_a   81.705
_cell.length_b   138.295
_cell.length_c   66.096
_cell.angle_alpha   90.00
_cell.angle_beta   90.00
_cell.angle_gamma   90.00
#
_symmetry.space_group_name_H-M   'P 21 21 2'
#
loop_
_entity.id
_entity.type
_entity.pdbx_description
1 polymer 'V-type ATP synthase subunit F'
2 non-polymer 'CALCIUM ION'
3 water water
#
_entity_poly.entity_id   1
_entity_poly.type   'polypeptide(L)'
_entity_poly.pdbx_seq_one_letter_code
;MVPVRMAVIADPETAQGFRLAGLEGYGASSAEEAQSLLETLVERGGYALVAVDEALLPDPERAVERLMRGRDLPVLLPIA
GLKEAFQGHDVEGYMRELVRKTIGFDIKL
;
_entity_poly.pdbx_strand_id   A,B,C,D,E,F
#
# COMPACT_ATOMS: atom_id res chain seq x y z
N MET A 1 20.16 17.00 16.10
CA MET A 1 19.83 17.73 14.84
C MET A 1 19.40 16.71 13.77
N VAL A 2 18.40 17.09 12.93
CA VAL A 2 17.70 16.16 12.02
C VAL A 2 17.73 16.56 10.46
N PRO A 3 18.28 15.66 9.59
CA PRO A 3 18.32 15.91 8.12
C PRO A 3 17.03 16.48 7.52
N VAL A 4 17.24 17.43 6.63
CA VAL A 4 16.19 18.22 5.97
C VAL A 4 15.60 17.30 4.98
N ARG A 5 14.30 17.14 5.03
CA ARG A 5 13.61 16.26 4.06
C ARG A 5 13.23 17.05 2.85
N MET A 6 13.66 16.64 1.66
CA MET A 6 13.33 17.32 0.43
C MET A 6 12.67 16.40 -0.63
N ALA A 7 11.72 16.95 -1.39
CA ALA A 7 11.18 16.21 -2.54
C ALA A 7 11.49 17.01 -3.75
N VAL A 8 11.55 16.28 -4.86
CA VAL A 8 11.78 16.82 -6.19
C VAL A 8 10.66 16.48 -7.10
N ILE A 9 10.11 17.44 -7.84
CA ILE A 9 8.97 17.12 -8.77
C ILE A 9 9.47 17.45 -10.16
N ALA A 10 9.44 16.44 -11.00
CA ALA A 10 9.97 16.61 -12.31
C ALA A 10 9.16 15.70 -13.28
N ASP A 11 9.54 15.75 -14.55
CA ASP A 11 8.91 14.96 -15.59
C ASP A 11 9.23 13.52 -15.19
N PRO A 12 8.40 12.59 -15.56
CA PRO A 12 8.60 11.20 -15.09
C PRO A 12 9.95 10.50 -15.32
N GLU A 13 10.56 10.68 -16.45
CA GLU A 13 11.88 10.07 -16.71
C GLU A 13 12.91 10.59 -15.71
N THR A 14 12.95 11.88 -15.53
CA THR A 14 13.88 12.53 -14.57
C THR A 14 13.62 12.13 -13.14
N ALA A 15 12.33 12.07 -12.82
CA ALA A 15 11.89 11.73 -11.47
C ALA A 15 12.39 10.34 -11.10
N GLN A 16 12.24 9.40 -12.05
CA GLN A 16 12.83 8.09 -11.97
C GLN A 16 14.31 8.10 -11.71
N GLY A 17 15.03 8.96 -12.42
CA GLY A 17 16.49 9.10 -12.20
C GLY A 17 16.90 9.65 -10.82
N PHE A 18 16.12 10.57 -10.29
CA PHE A 18 16.39 11.06 -8.94
C PHE A 18 16.18 9.93 -7.95
N ARG A 19 15.13 9.13 -8.11
CA ARG A 19 14.95 7.92 -7.29
C ARG A 19 16.12 6.89 -7.27
N LEU A 20 16.71 6.67 -8.43
CA LEU A 20 17.78 5.72 -8.59
C LEU A 20 19.01 6.24 -7.92
N ALA A 21 19.17 7.56 -7.95
CA ALA A 21 20.14 8.24 -7.09
C ALA A 21 19.84 8.32 -5.56
N GLY A 22 18.78 7.71 -5.09
CA GLY A 22 18.48 7.78 -3.71
C GLY A 22 17.62 8.99 -3.33
N LEU A 23 17.22 9.85 -4.24
CA LEU A 23 16.43 10.98 -3.78
C LEU A 23 14.92 10.73 -3.99
N GLU A 24 14.08 11.57 -3.37
CA GLU A 24 12.66 11.41 -3.37
C GLU A 24 12.00 12.20 -4.53
N GLY A 25 12.12 11.69 -5.75
CA GLY A 25 11.57 12.28 -6.96
C GLY A 25 10.19 11.73 -7.18
N TYR A 26 9.27 12.58 -7.62
CA TYR A 26 7.89 12.39 -7.95
C TYR A 26 7.68 12.99 -9.38
N GLY A 27 6.93 12.24 -10.20
CA GLY A 27 6.83 12.51 -11.61
C GLY A 27 5.54 13.28 -11.85
N ALA A 28 5.57 14.32 -12.70
CA ALA A 28 4.32 15.01 -13.16
C ALA A 28 4.57 15.54 -14.58
N SER A 29 3.49 15.76 -15.35
CA SER A 29 3.55 16.30 -16.70
C SER A 29 2.65 17.56 -16.85
N SER A 30 2.22 18.28 -15.80
CA SER A 30 1.56 19.59 -16.06
C SER A 30 1.58 20.46 -14.81
N ALA A 31 1.59 21.78 -15.04
CA ALA A 31 1.35 22.76 -13.96
C ALA A 31 0.26 22.20 -12.95
N GLU A 32 -0.96 21.95 -13.39
CA GLU A 32 -1.99 21.44 -12.45
C GLU A 32 -1.62 20.11 -11.73
N GLU A 33 -1.24 19.09 -12.49
CA GLU A 33 -0.89 17.86 -11.87
C GLU A 33 0.16 18.16 -10.69
N ALA A 34 1.19 18.86 -11.07
CA ALA A 34 2.17 19.17 -10.17
C ALA A 34 1.62 19.91 -8.89
N GLN A 35 0.62 20.80 -9.04
CA GLN A 35 0.13 21.52 -7.85
C GLN A 35 -0.59 20.52 -6.93
N SER A 36 -1.19 19.49 -7.56
CA SER A 36 -1.82 18.48 -6.83
C SER A 36 -0.80 17.78 -5.98
N LEU A 37 0.33 17.40 -6.62
CA LEU A 37 1.42 16.76 -5.95
C LEU A 37 1.85 17.67 -4.79
N LEU A 38 2.00 19.03 -5.02
CA LEU A 38 2.34 19.84 -3.84
C LEU A 38 1.39 19.71 -2.67
N GLU A 39 0.11 19.76 -2.96
CA GLU A 39 -0.90 19.66 -1.92
C GLU A 39 -0.80 18.30 -1.23
N THR A 40 -0.78 17.14 -1.93
CA THR A 40 -0.60 15.81 -1.24
C THR A 40 0.70 15.88 -0.30
N LEU A 41 1.82 16.32 -0.85
CA LEU A 41 3.00 16.36 0.00
C LEU A 41 2.79 17.23 1.23
N VAL A 42 2.13 18.43 0.91
CA VAL A 42 1.96 19.37 2.06
C VAL A 42 1.14 18.81 3.21
N GLU A 43 0.07 18.08 2.86
CA GLU A 43 -0.88 17.55 3.79
C GLU A 43 -0.18 16.41 4.47
N ARG A 44 0.72 15.73 3.63
CA ARG A 44 1.23 14.47 4.15
C ARG A 44 2.35 14.74 5.18
N GLY A 45 3.12 15.80 4.91
CA GLY A 45 3.58 16.64 6.03
C GLY A 45 5.10 16.85 6.30
N GLY A 46 5.88 15.71 5.89
CA GLY A 46 7.29 15.68 6.43
C GLY A 46 8.39 16.48 5.69
N TYR A 47 8.05 17.21 4.64
CA TYR A 47 9.08 17.82 3.79
C TYR A 47 9.37 19.26 4.16
N ALA A 48 10.64 19.65 4.15
CA ALA A 48 11.05 21.03 4.43
C ALA A 48 11.25 21.83 3.15
N LEU A 49 11.26 21.17 2.00
CA LEU A 49 11.60 21.86 0.73
C LEU A 49 11.12 20.97 -0.39
N VAL A 50 10.58 21.59 -1.47
CA VAL A 50 10.17 20.89 -2.64
C VAL A 50 10.70 21.61 -3.78
N ALA A 51 11.59 20.93 -4.50
CA ALA A 51 12.22 21.47 -5.67
C ALA A 51 11.39 20.93 -6.87
N VAL A 52 10.95 21.87 -7.71
CA VAL A 52 10.07 21.63 -8.80
C VAL A 52 10.68 22.16 -10.09
N ASP A 53 10.71 21.30 -11.09
CA ASP A 53 11.06 21.76 -12.42
C ASP A 53 10.24 23.01 -12.74
N GLU A 54 10.86 24.09 -13.20
CA GLU A 54 10.11 25.31 -13.47
C GLU A 54 9.04 25.23 -14.52
N ALA A 55 9.18 24.30 -15.49
CA ALA A 55 8.17 24.02 -16.50
C ALA A 55 6.89 23.55 -15.89
N LEU A 56 6.98 22.99 -14.70
CA LEU A 56 5.88 22.46 -13.94
C LEU A 56 5.44 23.46 -12.88
N LEU A 57 6.20 24.50 -12.65
CA LEU A 57 5.81 25.53 -11.71
C LEU A 57 6.05 26.91 -12.24
N PRO A 58 5.28 27.29 -13.27
CA PRO A 58 5.41 28.60 -13.87
C PRO A 58 4.84 29.70 -13.01
N ASP A 59 4.03 29.36 -11.97
CA ASP A 59 3.46 30.40 -11.03
C ASP A 59 3.49 29.88 -9.59
N PRO A 60 4.64 30.05 -8.94
CA PRO A 60 4.79 29.46 -7.59
C PRO A 60 4.23 30.29 -6.44
N GLU A 61 3.80 31.49 -6.75
CA GLU A 61 3.15 32.25 -5.71
C GLU A 61 1.69 31.88 -5.70
N ARG A 62 1.06 31.96 -6.84
CA ARG A 62 -0.24 31.38 -6.90
C ARG A 62 -0.23 29.92 -6.37
N ALA A 63 0.89 29.24 -6.47
CA ALA A 63 0.95 27.85 -6.00
C ALA A 63 0.78 27.72 -4.49
N VAL A 64 1.52 28.54 -3.75
CA VAL A 64 1.41 28.64 -2.30
C VAL A 64 -0.05 28.98 -2.00
N GLU A 65 -0.46 30.15 -2.51
CA GLU A 65 -1.84 30.64 -2.40
C GLU A 65 -2.82 29.49 -2.34
N ARG A 66 -2.75 28.56 -3.29
CA ARG A 66 -3.75 27.50 -3.37
C ARG A 66 -3.61 26.36 -2.32
N LEU A 67 -2.35 26.02 -1.95
CA LEU A 67 -2.07 24.91 -1.07
C LEU A 67 -2.85 25.06 0.20
N MET A 68 -2.88 26.32 0.61
CA MET A 68 -3.51 26.66 1.81
C MET A 68 -5.02 26.93 1.65
N ARG A 69 -5.64 26.47 0.56
CA ARG A 69 -7.10 26.48 0.43
C ARG A 69 -7.73 25.13 0.01
N GLY A 70 -6.89 24.06 0.10
CA GLY A 70 -7.32 22.70 -0.15
C GLY A 70 -7.54 21.86 1.11
N ARG A 71 -7.26 22.39 2.29
CA ARG A 71 -7.42 21.66 3.55
C ARG A 71 -8.92 21.52 3.78
N ASP A 72 -9.38 20.31 4.07
CA ASP A 72 -10.75 19.96 4.41
C ASP A 72 -10.98 20.31 5.82
N LEU A 73 -11.99 21.10 6.10
CA LEU A 73 -12.22 21.41 7.48
C LEU A 73 -13.55 20.83 8.00
N PRO A 74 -13.61 20.55 9.31
CA PRO A 74 -14.95 20.38 9.91
C PRO A 74 -15.77 21.66 9.77
N VAL A 75 -17.09 21.50 9.88
CA VAL A 75 -17.94 22.63 10.12
C VAL A 75 -17.67 23.16 11.56
N LEU A 76 -17.44 24.43 11.68
CA LEU A 76 -17.13 25.11 12.88
C LEU A 76 -18.42 25.86 13.33
N LEU A 77 -18.95 25.55 14.51
CA LEU A 77 -20.17 26.14 14.99
C LEU A 77 -19.96 26.83 16.33
N PRO A 78 -19.81 28.15 16.34
CA PRO A 78 -19.88 28.79 17.63
C PRO A 78 -21.25 28.65 18.29
N ILE A 79 -21.28 28.34 19.59
CA ILE A 79 -22.50 28.30 20.35
C ILE A 79 -22.51 29.07 21.62
N ALA A 80 -23.61 29.84 21.85
CA ALA A 80 -23.88 30.50 23.17
C ALA A 80 -24.46 29.53 24.12
N GLY A 81 -24.00 29.52 25.36
CA GLY A 81 -24.66 28.72 26.46
C GLY A 81 -24.69 27.22 26.18
N LEU A 82 -23.54 26.66 25.81
CA LEU A 82 -23.29 25.20 25.89
C LEU A 82 -23.60 24.50 27.23
N LYS A 83 -23.43 25.21 28.36
CA LYS A 83 -23.83 24.73 29.69
C LYS A 83 -25.29 24.31 29.79
N GLU A 84 -26.14 25.14 29.28
CA GLU A 84 -27.53 24.92 29.45
C GLU A 84 -27.91 23.49 29.00
N ALA A 85 -27.07 22.82 28.25
CA ALA A 85 -27.27 21.41 27.92
C ALA A 85 -27.30 20.44 29.10
N PHE A 86 -26.93 20.90 30.30
CA PHE A 86 -26.80 20.02 31.42
C PHE A 86 -28.02 20.17 32.27
N GLN A 87 -28.96 20.96 31.80
CA GLN A 87 -30.11 21.22 32.67
C GLN A 87 -31.21 20.17 32.43
N GLY A 88 -31.24 19.62 31.21
CA GLY A 88 -32.22 18.61 30.78
C GLY A 88 -31.57 17.35 30.23
N HIS A 89 -31.76 16.28 30.97
CA HIS A 89 -31.12 15.00 30.82
C HIS A 89 -30.87 14.24 29.52
N ASP A 90 -30.78 14.86 28.35
CA ASP A 90 -30.39 14.09 27.15
C ASP A 90 -29.41 14.90 26.33
N VAL A 91 -28.21 15.08 26.89
CA VAL A 91 -27.24 16.00 26.32
C VAL A 91 -27.09 15.77 24.81
N GLU A 92 -27.03 14.51 24.39
CA GLU A 92 -26.75 14.15 22.97
C GLU A 92 -27.86 14.69 22.03
N GLY A 93 -29.07 14.66 22.59
CA GLY A 93 -30.34 14.91 21.89
C GLY A 93 -30.48 16.40 21.79
N TYR A 94 -30.26 17.06 22.94
CA TYR A 94 -30.02 18.51 23.03
C TYR A 94 -29.03 19.02 21.99
N MET A 95 -27.83 18.46 21.94
CA MET A 95 -26.90 18.82 20.92
C MET A 95 -27.36 18.51 19.46
N ARG A 96 -28.09 17.41 19.27
CA ARG A 96 -28.63 17.08 17.93
C ARG A 96 -29.57 18.13 17.41
N GLU A 97 -30.37 18.62 18.33
CA GLU A 97 -31.40 19.58 18.07
C GLU A 97 -30.79 20.95 17.94
N LEU A 98 -29.81 21.19 18.74
CA LEU A 98 -29.04 22.37 18.51
C LEU A 98 -28.42 22.47 17.12
N VAL A 99 -27.75 21.45 16.67
CA VAL A 99 -27.04 21.62 15.42
C VAL A 99 -28.04 21.83 14.31
N ARG A 100 -29.11 21.03 14.41
CA ARG A 100 -30.16 21.10 13.43
C ARG A 100 -30.83 22.45 13.51
N LYS A 101 -30.93 23.04 14.69
CA LYS A 101 -31.51 24.36 14.74
C LYS A 101 -30.65 25.39 14.06
N THR A 102 -29.36 25.17 14.07
CA THR A 102 -28.43 26.16 13.52
C THR A 102 -28.07 25.98 12.07
N ILE A 103 -27.92 24.74 11.61
CA ILE A 103 -27.49 24.51 10.24
C ILE A 103 -28.41 23.60 9.39
N GLY A 104 -29.50 23.11 9.96
CA GLY A 104 -30.42 22.32 9.17
C GLY A 104 -30.15 20.85 9.20
N PHE A 105 -28.96 20.45 9.61
CA PHE A 105 -28.55 19.05 9.47
C PHE A 105 -28.83 18.16 10.68
N ASP A 106 -29.60 17.11 10.46
CA ASP A 106 -29.74 16.04 11.43
C ASP A 106 -28.49 15.16 11.38
N ILE A 107 -27.68 15.29 12.45
CA ILE A 107 -26.41 14.65 12.50
C ILE A 107 -26.56 13.25 13.18
N LYS A 108 -25.83 12.29 12.61
CA LYS A 108 -25.80 10.88 12.99
C LYS A 108 -24.80 10.50 14.13
N LEU A 109 -25.00 11.02 15.35
CA LEU A 109 -24.16 10.66 16.51
C LEU A 109 -24.89 9.61 17.33
N MET B 1 20.38 10.93 1.60
CA MET B 1 19.99 9.83 0.69
C MET B 1 18.99 8.89 1.34
N VAL B 2 18.23 8.25 0.46
CA VAL B 2 17.20 7.33 0.84
C VAL B 2 17.61 6.08 0.07
N PRO B 3 17.40 4.90 0.62
CA PRO B 3 18.01 3.79 -0.14
C PRO B 3 17.34 3.59 -1.51
N VAL B 4 18.07 2.89 -2.38
CA VAL B 4 17.50 2.36 -3.57
C VAL B 4 17.42 0.84 -3.33
N ARG B 5 16.17 0.38 -3.47
CA ARG B 5 15.83 -0.97 -3.31
C ARG B 5 15.65 -1.59 -4.72
N MET B 6 16.40 -2.67 -4.93
CA MET B 6 16.41 -3.43 -6.16
C MET B 6 15.97 -4.86 -5.93
N ALA B 7 15.27 -5.40 -6.92
CA ALA B 7 14.94 -6.80 -6.96
C ALA B 7 15.47 -7.41 -8.26
N VAL B 8 15.89 -8.67 -8.17
CA VAL B 8 16.40 -9.40 -9.34
C VAL B 8 15.55 -10.63 -9.60
N ILE B 9 14.98 -10.79 -10.80
CA ILE B 9 14.19 -12.00 -11.11
C ILE B 9 14.90 -12.93 -12.06
N ALA B 10 15.19 -14.16 -11.67
CA ALA B 10 15.99 -15.05 -12.55
C ALA B 10 15.68 -16.53 -12.46
N ASP B 11 16.48 -17.33 -13.16
CA ASP B 11 16.50 -18.78 -12.96
C ASP B 11 16.75 -19.11 -11.49
N PRO B 12 15.96 -20.10 -10.97
CA PRO B 12 15.85 -20.47 -9.53
C PRO B 12 17.21 -20.68 -8.86
N GLU B 13 18.13 -21.37 -9.50
CA GLU B 13 19.48 -21.48 -8.90
C GLU B 13 20.36 -20.20 -8.84
N THR B 14 20.35 -19.40 -9.90
CA THR B 14 20.95 -18.05 -9.94
C THR B 14 20.30 -17.11 -8.84
N ALA B 15 18.96 -17.15 -8.71
CA ALA B 15 18.26 -16.40 -7.65
C ALA B 15 18.80 -16.74 -6.22
N GLN B 16 19.02 -18.04 -5.93
CA GLN B 16 19.53 -18.48 -4.68
C GLN B 16 20.90 -17.95 -4.56
N GLY B 17 21.64 -17.88 -5.64
CA GLY B 17 22.98 -17.24 -5.55
C GLY B 17 22.85 -15.77 -5.10
N PHE B 18 21.86 -15.08 -5.65
CA PHE B 18 21.73 -13.68 -5.38
C PHE B 18 21.43 -13.62 -3.93
N ARG B 19 20.45 -14.38 -3.41
CA ARG B 19 20.21 -14.37 -1.93
C ARG B 19 21.43 -14.60 -0.99
N LEU B 20 22.29 -15.56 -1.33
CA LEU B 20 23.50 -15.90 -0.59
C LEU B 20 24.48 -14.78 -0.51
N ALA B 21 24.46 -13.97 -1.56
CA ALA B 21 25.26 -12.81 -1.80
C ALA B 21 24.69 -11.54 -1.18
N GLY B 22 23.52 -11.66 -0.59
CA GLY B 22 22.94 -10.58 0.13
C GLY B 22 22.02 -9.75 -0.72
N LEU B 23 21.85 -10.07 -1.99
CA LEU B 23 20.85 -9.33 -2.81
C LEU B 23 19.51 -10.08 -2.71
N GLU B 24 18.47 -9.45 -3.23
CA GLU B 24 17.04 -9.77 -3.13
C GLU B 24 16.54 -10.37 -4.48
N GLY B 25 16.97 -11.62 -4.66
CA GLY B 25 16.67 -12.39 -5.80
C GLY B 25 15.38 -13.14 -5.66
N TYR B 26 14.81 -13.52 -6.82
CA TYR B 26 13.58 -14.27 -6.93
C TYR B 26 13.77 -15.19 -8.12
N GLY B 27 13.55 -16.47 -7.89
CA GLY B 27 13.45 -17.51 -8.87
C GLY B 27 12.19 -17.46 -9.71
N ALA B 28 12.31 -17.74 -10.99
CA ALA B 28 11.18 -18.01 -11.91
C ALA B 28 11.65 -18.87 -13.10
N SER B 29 10.77 -19.74 -13.55
CA SER B 29 11.14 -20.76 -14.53
C SER B 29 10.63 -20.49 -15.96
N SER B 30 9.65 -19.60 -16.12
CA SER B 30 9.13 -19.22 -17.38
C SER B 30 8.84 -17.73 -17.42
N ALA B 31 8.40 -17.26 -18.58
CA ALA B 31 8.00 -15.87 -18.70
C ALA B 31 6.76 -15.58 -17.88
N GLU B 32 5.89 -16.58 -17.67
CA GLU B 32 4.59 -16.40 -16.98
C GLU B 32 4.89 -16.21 -15.53
N GLU B 33 5.56 -17.21 -15.02
CA GLU B 33 5.81 -17.29 -13.63
C GLU B 33 6.46 -15.97 -13.36
N ALA B 34 7.46 -15.57 -14.20
CA ALA B 34 8.11 -14.22 -14.10
C ALA B 34 7.16 -12.97 -14.11
N GLN B 35 6.15 -12.88 -14.97
CA GLN B 35 5.22 -11.72 -14.84
C GLN B 35 4.30 -11.96 -13.60
N SER B 36 3.89 -13.22 -13.38
CA SER B 36 3.11 -13.55 -12.09
C SER B 36 3.83 -13.08 -10.80
N LEU B 37 5.17 -13.22 -10.83
CA LEU B 37 6.18 -12.70 -9.86
C LEU B 37 6.16 -11.24 -9.87
N LEU B 38 6.15 -10.70 -11.05
CA LEU B 38 6.19 -9.25 -11.14
C LEU B 38 5.01 -8.74 -10.47
N GLU B 39 3.83 -9.25 -10.84
CA GLU B 39 2.58 -8.73 -10.30
C GLU B 39 2.75 -8.68 -8.75
N THR B 40 2.67 -9.85 -8.11
CA THR B 40 3.02 -10.06 -6.69
C THR B 40 3.97 -9.01 -6.11
N LEU B 41 5.01 -8.69 -6.86
CA LEU B 41 6.05 -7.68 -6.47
C LEU B 41 5.56 -6.26 -6.53
N VAL B 42 5.03 -5.85 -7.65
CA VAL B 42 4.89 -4.37 -8.04
C VAL B 42 3.84 -3.57 -7.26
N GLU B 43 3.13 -4.34 -6.46
CA GLU B 43 2.20 -3.83 -5.55
C GLU B 43 2.85 -3.69 -4.13
N ARG B 44 4.10 -4.15 -3.99
CA ARG B 44 4.81 -4.08 -2.74
C ARG B 44 5.75 -2.89 -2.91
N GLY B 45 5.22 -1.84 -3.54
CA GLY B 45 5.87 -0.54 -3.82
C GLY B 45 7.33 -0.18 -3.56
N GLY B 46 8.06 -1.00 -2.77
CA GLY B 46 9.41 -0.65 -2.28
C GLY B 46 10.50 -0.59 -3.35
N TYR B 47 10.41 -1.52 -4.30
CA TYR B 47 11.45 -1.69 -5.34
C TYR B 47 11.43 -0.53 -6.27
N ALA B 48 12.60 0.06 -6.53
CA ALA B 48 12.86 1.11 -7.54
C ALA B 48 13.26 0.49 -8.87
N LEU B 49 14.23 -0.41 -8.87
CA LEU B 49 14.64 -1.06 -10.10
C LEU B 49 14.23 -2.53 -10.07
N VAL B 50 13.82 -3.06 -11.19
CA VAL B 50 13.79 -4.57 -11.25
C VAL B 50 14.57 -5.10 -12.44
N ALA B 51 15.57 -5.91 -12.12
CA ALA B 51 16.49 -6.53 -13.12
C ALA B 51 15.94 -7.90 -13.39
N VAL B 52 15.74 -8.22 -14.65
CA VAL B 52 15.06 -9.47 -15.00
C VAL B 52 15.85 -10.17 -16.08
N ASP B 53 15.85 -11.48 -16.06
CA ASP B 53 16.71 -12.23 -16.98
C ASP B 53 16.08 -11.98 -18.30
N GLU B 54 16.82 -11.52 -19.31
CA GLU B 54 16.28 -11.30 -20.70
C GLU B 54 15.39 -12.43 -21.27
N ALA B 55 15.70 -13.65 -20.91
CA ALA B 55 14.96 -14.80 -21.38
C ALA B 55 13.58 -14.84 -20.81
N LEU B 56 13.44 -14.45 -19.57
CA LEU B 56 12.11 -14.34 -18.95
C LEU B 56 11.41 -13.00 -19.12
N LEU B 57 11.76 -12.20 -20.08
CA LEU B 57 11.10 -10.96 -20.27
C LEU B 57 11.47 -10.60 -21.65
N PRO B 58 10.81 -11.23 -22.63
CA PRO B 58 11.11 -10.95 -24.01
C PRO B 58 10.69 -9.55 -24.41
N ASP B 59 9.76 -8.93 -23.67
CA ASP B 59 9.21 -7.60 -23.99
C ASP B 59 9.00 -6.75 -22.71
N PRO B 60 10.02 -5.97 -22.33
CA PRO B 60 9.88 -5.14 -21.12
C PRO B 60 8.78 -4.03 -21.17
N GLU B 61 8.42 -3.63 -22.40
CA GLU B 61 7.31 -2.69 -22.66
C GLU B 61 5.91 -3.28 -22.34
N ARG B 62 5.61 -4.40 -22.95
CA ARG B 62 4.31 -5.01 -22.77
C ARG B 62 4.14 -5.57 -21.33
N ALA B 63 5.23 -5.89 -20.65
CA ALA B 63 5.11 -6.43 -19.30
C ALA B 63 4.60 -5.34 -18.35
N VAL B 64 5.07 -4.12 -18.58
CA VAL B 64 4.59 -2.87 -17.97
C VAL B 64 3.05 -2.72 -18.01
N GLU B 65 2.58 -2.75 -19.23
CA GLU B 65 1.25 -2.47 -19.56
C GLU B 65 0.29 -3.50 -18.99
N ARG B 66 0.64 -4.77 -19.06
CA ARG B 66 -0.08 -5.81 -18.27
C ARG B 66 -0.25 -5.47 -16.77
N LEU B 67 0.86 -5.01 -16.17
CA LEU B 67 0.87 -4.62 -14.75
C LEU B 67 0.11 -3.36 -14.42
N MET B 68 0.10 -2.40 -15.33
CA MET B 68 -0.69 -1.27 -15.15
C MET B 68 -2.17 -1.76 -15.09
N ARG B 69 -2.60 -2.49 -16.13
CA ARG B 69 -3.99 -2.94 -16.25
C ARG B 69 -4.51 -3.90 -15.15
N GLY B 70 -3.70 -4.15 -14.15
CA GLY B 70 -3.96 -5.19 -13.12
C GLY B 70 -4.52 -4.56 -11.84
N ARG B 71 -4.40 -3.24 -11.70
CA ARG B 71 -4.88 -2.56 -10.57
C ARG B 71 -6.44 -2.68 -10.43
N ASP B 72 -6.91 -3.18 -9.29
CA ASP B 72 -8.34 -3.14 -8.88
C ASP B 72 -8.80 -1.71 -8.61
N LEU B 73 -9.84 -1.28 -9.30
CA LEU B 73 -10.36 0.03 -9.23
C LEU B 73 -11.78 0.05 -8.58
N PRO B 74 -12.03 1.01 -7.67
CA PRO B 74 -13.41 1.32 -7.28
C PRO B 74 -14.19 1.64 -8.55
N VAL B 75 -15.51 1.43 -8.54
CA VAL B 75 -16.40 1.97 -9.58
C VAL B 75 -16.44 3.53 -9.37
N LEU B 76 -16.18 4.24 -10.43
CA LEU B 76 -16.12 5.74 -10.52
C LEU B 76 -17.49 6.18 -11.08
N LEU B 77 -18.23 6.96 -10.30
CA LEU B 77 -19.55 7.44 -10.74
C LEU B 77 -19.59 8.96 -10.81
N PRO B 78 -19.41 9.57 -12.00
CA PRO B 78 -19.59 11.00 -11.98
C PRO B 78 -21.11 11.29 -11.76
N ILE B 79 -21.49 12.36 -11.06
CA ILE B 79 -22.87 12.71 -10.77
C ILE B 79 -23.04 14.19 -10.97
N ALA B 80 -24.08 14.55 -11.68
CA ALA B 80 -24.53 15.91 -11.74
C ALA B 80 -25.39 16.18 -10.57
N GLY B 81 -25.17 17.30 -9.94
CA GLY B 81 -26.10 17.78 -8.92
C GLY B 81 -26.05 16.84 -7.72
N LEU B 82 -24.80 16.52 -7.28
CA LEU B 82 -24.61 15.81 -6.01
C LEU B 82 -25.29 16.54 -4.86
N LYS B 83 -25.28 17.85 -4.89
CA LYS B 83 -25.86 18.63 -3.75
C LYS B 83 -27.38 18.43 -3.49
N GLU B 84 -28.08 17.97 -4.53
CA GLU B 84 -29.52 17.76 -4.47
C GLU B 84 -29.83 16.75 -3.38
N ALA B 85 -28.85 15.92 -3.07
CA ALA B 85 -29.05 14.92 -2.06
C ALA B 85 -29.47 15.53 -0.72
N PHE B 86 -29.29 16.85 -0.51
CA PHE B 86 -29.75 17.51 0.78
C PHE B 86 -31.07 18.25 0.67
N GLN B 87 -31.78 18.11 -0.43
CA GLN B 87 -33.16 18.69 -0.49
C GLN B 87 -34.11 17.96 0.48
N GLY B 88 -33.97 16.63 0.56
CA GLY B 88 -34.73 15.81 1.49
C GLY B 88 -34.00 15.46 2.76
N HIS B 89 -34.64 14.67 3.64
CA HIS B 89 -33.98 14.17 4.86
C HIS B 89 -33.33 12.73 4.80
N ASP B 90 -32.93 12.26 3.61
CA ASP B 90 -32.42 10.90 3.46
C ASP B 90 -31.39 10.83 2.34
N VAL B 91 -30.16 11.23 2.70
CA VAL B 91 -28.97 11.26 1.80
C VAL B 91 -28.44 9.83 1.50
N GLU B 92 -28.30 9.00 2.53
CA GLU B 92 -27.89 7.59 2.32
C GLU B 92 -28.78 6.86 1.28
N GLY B 93 -30.10 6.95 1.51
CA GLY B 93 -31.09 6.31 0.64
C GLY B 93 -31.14 6.98 -0.73
N TYR B 94 -31.04 8.30 -0.77
CA TYR B 94 -30.89 9.05 -2.04
C TYR B 94 -29.72 8.50 -2.87
N MET B 95 -28.57 8.38 -2.21
CA MET B 95 -27.39 7.85 -2.86
C MET B 95 -27.48 6.38 -3.36
N ARG B 96 -28.08 5.54 -2.55
CA ARG B 96 -28.18 4.13 -2.83
C ARG B 96 -29.02 3.97 -4.11
N GLU B 97 -30.08 4.78 -4.18
CA GLU B 97 -31.01 4.84 -5.34
C GLU B 97 -30.35 5.42 -6.56
N LEU B 98 -29.71 6.57 -6.42
CA LEU B 98 -28.84 7.08 -7.49
C LEU B 98 -27.84 6.03 -8.08
N VAL B 99 -27.26 5.21 -7.22
CA VAL B 99 -26.25 4.25 -7.69
C VAL B 99 -26.95 3.21 -8.54
N ARG B 100 -28.10 2.79 -8.07
CA ARG B 100 -28.89 1.77 -8.66
C ARG B 100 -29.48 2.19 -10.03
N LYS B 101 -30.02 3.41 -10.10
CA LYS B 101 -30.49 3.98 -11.36
C LYS B 101 -29.35 3.95 -12.31
N THR B 102 -28.24 4.49 -11.85
CA THR B 102 -27.09 4.65 -12.73
C THR B 102 -26.45 3.33 -13.15
N ILE B 103 -26.08 2.50 -12.19
CA ILE B 103 -25.21 1.35 -12.45
C ILE B 103 -25.91 0.00 -12.34
N GLY B 104 -27.12 0.00 -11.81
CA GLY B 104 -27.90 -1.23 -11.72
C GLY B 104 -27.61 -2.07 -10.49
N PHE B 105 -26.36 -2.03 -10.03
CA PHE B 105 -25.94 -2.72 -8.80
C PHE B 105 -26.47 -2.01 -7.59
N ASP B 106 -27.29 -2.69 -6.77
CA ASP B 106 -27.80 -2.12 -5.50
C ASP B 106 -26.79 -2.20 -4.33
N ILE B 107 -25.95 -1.14 -4.15
CA ILE B 107 -24.91 -1.06 -3.09
C ILE B 107 -25.41 -1.17 -1.62
N LYS B 108 -24.69 -1.97 -0.82
CA LYS B 108 -25.05 -2.19 0.58
C LYS B 108 -24.38 -1.16 1.49
N LEU B 109 -25.02 -0.03 1.77
CA LEU B 109 -24.35 1.05 2.54
C LEU B 109 -24.48 0.84 4.04
N MET C 1 20.89 -4.15 0.43
CA MET C 1 21.51 -5.48 0.47
C MET C 1 21.16 -6.12 1.82
N VAL C 2 20.87 -7.41 1.80
CA VAL C 2 20.19 -8.04 2.94
C VAL C 2 21.11 -8.96 3.75
N PRO C 3 20.87 -9.03 5.07
CA PRO C 3 21.36 -10.13 5.91
C PRO C 3 21.12 -11.47 5.34
N VAL C 4 22.18 -12.25 5.19
CA VAL C 4 22.00 -13.61 4.89
C VAL C 4 21.84 -14.33 6.22
N ARG C 5 20.80 -15.19 6.26
CA ARG C 5 20.44 -15.79 7.51
C ARG C 5 20.51 -17.32 7.24
N MET C 6 21.08 -18.06 8.19
CA MET C 6 21.43 -19.44 8.01
C MET C 6 20.95 -20.18 9.21
N ALA C 7 20.25 -21.32 8.97
CA ALA C 7 19.97 -22.20 10.09
C ALA C 7 20.85 -23.45 10.00
N VAL C 8 21.14 -24.07 11.14
CA VAL C 8 21.88 -25.33 11.21
C VAL C 8 21.03 -26.42 11.95
N ILE C 9 20.76 -27.58 11.36
CA ILE C 9 20.08 -28.65 12.05
C ILE C 9 21.13 -29.74 12.33
N ALA C 10 21.30 -30.09 13.59
CA ALA C 10 22.29 -31.17 13.90
C ALA C 10 21.70 -31.95 15.05
N ASP C 11 22.49 -32.82 15.66
CA ASP C 11 22.06 -33.54 16.83
C ASP C 11 21.96 -32.59 18.01
N PRO C 12 21.19 -32.93 19.02
CA PRO C 12 20.90 -31.85 19.98
C PRO C 12 22.14 -31.30 20.71
N GLU C 13 23.07 -32.18 21.06
CA GLU C 13 24.33 -31.76 21.60
C GLU C 13 25.05 -30.78 20.70
N THR C 14 25.26 -31.19 19.46
CA THR C 14 25.92 -30.34 18.47
C THR C 14 25.26 -28.98 18.25
N ALA C 15 23.95 -28.99 18.13
CA ALA C 15 23.15 -27.76 18.04
C ALA C 15 23.30 -26.82 19.26
N GLN C 16 23.44 -27.37 20.45
CA GLN C 16 23.71 -26.55 21.58
C GLN C 16 25.06 -25.88 21.46
N GLY C 17 26.01 -26.54 20.78
CA GLY C 17 27.36 -26.01 20.60
C GLY C 17 27.28 -24.89 19.58
N PHE C 18 26.54 -25.15 18.51
CA PHE C 18 26.24 -24.07 17.55
C PHE C 18 25.61 -22.87 18.18
N ARG C 19 24.58 -23.04 19.00
CA ARG C 19 23.96 -21.94 19.76
C ARG C 19 24.84 -20.99 20.66
N LEU C 20 25.67 -21.68 21.42
CA LEU C 20 26.79 -21.11 22.19
C LEU C 20 27.83 -20.47 21.39
N ALA C 21 28.05 -20.93 20.16
CA ALA C 21 28.87 -20.15 19.30
C ALA C 21 28.22 -19.03 18.49
N GLY C 22 26.97 -18.66 18.75
CA GLY C 22 26.33 -17.55 18.12
C GLY C 22 25.59 -17.91 16.84
N LEU C 23 25.52 -19.20 16.44
CA LEU C 23 24.68 -19.63 15.29
C LEU C 23 23.27 -20.20 15.69
N GLU C 24 22.39 -20.31 14.70
CA GLU C 24 21.03 -20.70 14.87
C GLU C 24 20.94 -22.17 14.70
N GLY C 25 21.20 -22.93 15.74
CA GLY C 25 21.14 -24.39 15.66
C GLY C 25 19.85 -24.90 16.25
N TYR C 26 19.36 -25.96 15.65
CA TYR C 26 18.15 -26.68 15.99
C TYR C 26 18.51 -28.19 16.09
N GLY C 27 18.20 -28.76 17.27
CA GLY C 27 18.26 -30.23 17.61
C GLY C 27 17.28 -31.11 16.83
N ALA C 28 17.77 -32.17 16.23
CA ALA C 28 16.91 -33.23 15.69
C ALA C 28 17.74 -34.51 15.81
N SER C 29 17.01 -35.61 16.08
CA SER C 29 17.55 -36.93 16.40
C SER C 29 17.17 -37.97 15.38
N SER C 30 16.34 -37.65 14.42
CA SER C 30 16.10 -38.59 13.40
C SER C 30 15.88 -37.75 12.22
N ALA C 31 15.83 -38.34 11.06
CA ALA C 31 15.56 -37.63 9.87
C ALA C 31 14.13 -37.03 9.69
N GLU C 32 13.12 -37.85 9.90
CA GLU C 32 11.74 -37.42 9.58
C GLU C 32 11.57 -36.17 10.39
N GLU C 33 12.08 -36.32 11.60
CA GLU C 33 12.07 -35.36 12.65
C GLU C 33 12.84 -34.08 12.42
N ALA C 34 13.94 -34.18 11.64
CA ALA C 34 14.51 -33.05 11.01
C ALA C 34 13.61 -32.49 9.94
N GLN C 35 12.90 -33.30 9.17
CA GLN C 35 12.18 -32.75 7.94
C GLN C 35 11.07 -31.75 8.26
N SER C 36 10.54 -31.91 9.45
CA SER C 36 9.42 -31.19 9.87
C SER C 36 9.95 -29.79 10.30
N LEU C 37 11.19 -29.80 10.79
CA LEU C 37 11.87 -28.64 11.28
C LEU C 37 12.11 -27.81 10.06
N LEU C 38 12.56 -28.41 8.97
CA LEU C 38 12.72 -27.69 7.72
C LEU C 38 11.51 -27.02 7.15
N GLU C 39 10.33 -27.62 7.38
CA GLU C 39 9.15 -26.97 6.76
C GLU C 39 8.94 -25.73 7.51
N THR C 40 8.76 -25.92 8.86
CA THR C 40 8.87 -24.73 9.75
C THR C 40 9.91 -23.54 9.47
N LEU C 41 11.02 -23.76 8.76
CA LEU C 41 12.00 -22.65 8.55
C LEU C 41 11.80 -21.85 7.16
N VAL C 42 11.47 -22.81 6.08
CA VAL C 42 11.07 -22.38 4.74
C VAL C 42 9.65 -21.74 4.84
N GLU C 43 9.06 -22.07 6.08
CA GLU C 43 7.77 -21.45 6.46
C GLU C 43 8.04 -19.96 6.84
N ARG C 44 8.95 -19.80 7.82
CA ARG C 44 9.15 -18.56 8.52
C ARG C 44 10.32 -17.78 7.80
N GLY C 45 9.96 -17.48 6.36
CA GLY C 45 11.18 -17.68 5.39
C GLY C 45 12.35 -16.67 5.46
N GLY C 46 12.90 -16.56 6.87
CA GLY C 46 14.07 -15.77 7.04
C GLY C 46 15.28 -16.32 6.27
N TYR C 47 15.35 -17.63 6.00
CA TYR C 47 16.67 -18.20 5.73
C TYR C 47 17.12 -18.31 4.28
N ALA C 48 18.38 -17.95 3.94
CA ALA C 48 18.99 -18.27 2.64
C ALA C 48 19.58 -19.67 2.52
N LEU C 49 19.71 -20.37 3.65
CA LEU C 49 20.48 -21.67 3.73
C LEU C 49 20.13 -22.37 4.99
N VAL C 50 19.91 -23.71 4.93
CA VAL C 50 19.82 -24.54 6.10
C VAL C 50 20.84 -25.62 5.90
N ALA C 51 21.79 -25.65 6.85
CA ALA C 51 22.92 -26.66 6.83
C ALA C 51 22.38 -27.74 7.75
N VAL C 52 22.39 -28.99 7.30
CA VAL C 52 21.79 -30.11 8.03
C VAL C 52 22.81 -31.19 8.06
N ASP C 53 23.14 -31.70 9.25
CA ASP C 53 24.03 -32.87 9.33
C ASP C 53 23.53 -33.92 8.30
N GLU C 54 24.33 -34.46 7.44
CA GLU C 54 23.86 -35.32 6.42
C GLU C 54 23.14 -36.66 6.83
N ALA C 55 23.46 -37.15 8.00
CA ALA C 55 22.79 -38.27 8.58
C ALA C 55 21.37 -37.87 8.82
N LEU C 56 21.11 -36.60 9.09
CA LEU C 56 19.74 -36.12 9.29
C LEU C 56 19.06 -35.68 7.97
N LEU C 57 19.80 -35.64 6.84
CA LEU C 57 19.20 -35.27 5.57
C LEU C 57 19.76 -36.16 4.48
N PRO C 58 19.37 -37.44 4.49
CA PRO C 58 19.89 -38.37 3.55
C PRO C 58 19.34 -38.16 2.11
N ASP C 59 18.11 -37.64 1.97
CA ASP C 59 17.52 -37.40 0.62
C ASP C 59 17.01 -35.97 0.52
N PRO C 60 17.90 -35.07 0.21
CA PRO C 60 17.66 -33.66 0.04
C PRO C 60 16.43 -33.30 -0.88
N GLU C 61 16.45 -33.87 -2.09
CA GLU C 61 15.32 -33.89 -3.02
C GLU C 61 13.93 -34.26 -2.42
N ARG C 62 13.79 -35.44 -1.86
CA ARG C 62 12.55 -35.79 -1.19
C ARG C 62 12.14 -34.77 -0.13
N ALA C 63 13.10 -34.20 0.63
CA ALA C 63 12.71 -33.25 1.71
C ALA C 63 12.03 -31.92 1.17
N VAL C 64 12.66 -31.41 0.12
CA VAL C 64 12.13 -30.35 -0.71
C VAL C 64 10.67 -30.67 -1.13
N GLU C 65 10.53 -31.83 -1.82
CA GLU C 65 9.17 -32.22 -2.21
C GLU C 65 8.13 -32.05 -1.11
N ARG C 66 8.52 -32.42 0.13
CA ARG C 66 7.51 -32.49 1.20
C ARG C 66 7.07 -31.20 1.90
N LEU C 67 8.07 -30.30 2.21
CA LEU C 67 7.81 -28.97 2.77
C LEU C 67 6.72 -28.19 1.94
N MET C 68 6.99 -28.19 0.63
CA MET C 68 6.10 -27.51 -0.33
C MET C 68 4.59 -27.96 -0.18
N ARG C 69 4.43 -29.26 0.12
CA ARG C 69 3.13 -29.92 0.24
C ARG C 69 2.38 -29.82 1.62
N GLY C 70 3.10 -29.20 2.58
CA GLY C 70 2.62 -28.89 4.01
C GLY C 70 1.90 -27.49 3.96
N ARG C 71 2.06 -26.68 2.88
CA ARG C 71 1.29 -25.43 2.75
C ARG C 71 -0.22 -25.71 2.81
N ASP C 72 -0.84 -25.26 3.90
CA ASP C 72 -2.31 -25.30 4.02
C ASP C 72 -2.92 -24.36 3.03
N LEU C 73 -3.75 -24.86 2.15
CA LEU C 73 -4.39 -23.98 1.19
C LEU C 73 -5.91 -23.81 1.42
N PRO C 74 -6.48 -22.69 0.92
CA PRO C 74 -7.93 -22.65 0.92
C PRO C 74 -8.44 -23.57 -0.10
N VAL C 75 -9.70 -23.92 0.03
CA VAL C 75 -10.36 -24.73 -1.07
C VAL C 75 -10.55 -23.77 -2.34
N LEU C 76 -10.28 -24.25 -3.48
CA LEU C 76 -10.45 -23.46 -4.72
C LEU C 76 -11.59 -24.06 -5.53
N LEU C 77 -12.54 -23.26 -5.91
CA LEU C 77 -13.74 -23.72 -6.58
C LEU C 77 -13.92 -22.97 -7.87
N PRO C 78 -13.71 -23.65 -9.00
CA PRO C 78 -13.95 -22.98 -10.21
C PRO C 78 -15.50 -22.80 -10.40
N ILE C 79 -15.99 -21.76 -11.07
CA ILE C 79 -17.46 -21.61 -11.21
C ILE C 79 -17.83 -21.13 -12.58
N ALA C 80 -18.79 -21.78 -13.24
CA ALA C 80 -19.27 -21.26 -14.51
C ALA C 80 -20.37 -20.25 -14.18
N GLY C 81 -20.33 -19.14 -14.92
CA GLY C 81 -21.31 -18.02 -14.76
C GLY C 81 -21.45 -17.33 -13.38
N LEU C 82 -20.37 -16.70 -12.88
CA LEU C 82 -20.44 -15.81 -11.68
C LEU C 82 -21.32 -14.55 -11.87
N LYS C 83 -21.25 -14.04 -13.10
CA LYS C 83 -22.03 -12.95 -13.61
C LYS C 83 -23.51 -13.01 -13.24
N GLU C 84 -24.05 -14.22 -13.26
CA GLU C 84 -25.47 -14.43 -13.00
C GLU C 84 -25.85 -14.36 -11.52
N ALA C 85 -24.95 -13.89 -10.67
CA ALA C 85 -25.25 -13.57 -9.27
C ALA C 85 -25.82 -12.13 -9.12
N PHE C 86 -25.85 -11.40 -10.22
CA PHE C 86 -26.36 -10.08 -10.23
C PHE C 86 -27.71 -10.06 -10.93
N GLN C 87 -28.10 -11.20 -11.47
CA GLN C 87 -29.44 -11.31 -12.00
C GLN C 87 -30.53 -11.11 -10.94
N GLY C 88 -30.27 -11.52 -9.70
CA GLY C 88 -31.15 -11.18 -8.56
C GLY C 88 -30.43 -10.49 -7.42
N HIS C 89 -31.08 -10.42 -6.27
CA HIS C 89 -30.67 -9.51 -5.20
C HIS C 89 -30.45 -10.14 -3.83
N ASP C 90 -29.70 -11.22 -3.78
CA ASP C 90 -29.28 -11.83 -2.52
C ASP C 90 -27.91 -12.45 -2.75
N VAL C 91 -27.08 -11.72 -3.51
CA VAL C 91 -25.75 -12.15 -4.03
C VAL C 91 -25.02 -13.07 -3.10
N GLU C 92 -24.87 -12.60 -1.88
CA GLU C 92 -24.34 -13.39 -0.78
C GLU C 92 -25.03 -14.77 -0.69
N GLY C 93 -26.38 -14.69 -0.61
CA GLY C 93 -27.29 -15.80 -0.74
C GLY C 93 -27.00 -16.68 -1.94
N TYR C 94 -27.08 -16.13 -3.16
CA TYR C 94 -26.67 -16.88 -4.36
C TYR C 94 -25.32 -17.60 -4.25
N MET C 95 -24.30 -17.00 -3.59
CA MET C 95 -23.00 -17.67 -3.46
C MET C 95 -23.03 -18.73 -2.39
N ARG C 96 -23.75 -18.45 -1.30
CA ARG C 96 -23.94 -19.47 -0.23
C ARG C 96 -24.52 -20.76 -0.82
N GLU C 97 -25.55 -20.58 -1.65
CA GLU C 97 -26.20 -21.67 -2.41
C GLU C 97 -25.31 -22.32 -3.44
N LEU C 98 -24.71 -21.46 -4.23
CA LEU C 98 -23.74 -21.89 -5.21
C LEU C 98 -22.68 -22.85 -4.62
N VAL C 99 -22.13 -22.46 -3.49
CA VAL C 99 -21.06 -23.21 -2.87
C VAL C 99 -21.62 -24.43 -2.26
N ARG C 100 -22.68 -24.24 -1.49
CA ARG C 100 -23.38 -25.39 -0.89
C ARG C 100 -23.71 -26.48 -1.91
N LYS C 101 -24.26 -26.08 -3.05
CA LYS C 101 -24.54 -27.06 -4.13
C LYS C 101 -23.26 -27.62 -4.77
N THR C 102 -22.09 -27.04 -4.57
CA THR C 102 -20.92 -27.56 -5.29
C THR C 102 -20.15 -28.55 -4.48
N ILE C 103 -19.86 -28.19 -3.23
CA ILE C 103 -19.00 -29.00 -2.37
C ILE C 103 -19.78 -29.59 -1.20
N GLY C 104 -21.07 -29.25 -1.10
CA GLY C 104 -21.98 -29.90 -0.17
C GLY C 104 -21.91 -29.20 1.16
N PHE C 105 -21.27 -28.04 1.18
CA PHE C 105 -21.03 -27.31 2.43
C PHE C 105 -22.03 -26.18 2.68
N ASP C 106 -22.47 -26.07 3.92
CA ASP C 106 -23.02 -24.86 4.46
C ASP C 106 -21.79 -24.23 5.08
N ILE C 107 -20.89 -23.86 4.18
CA ILE C 107 -19.72 -23.01 4.41
C ILE C 107 -20.25 -21.81 5.20
N LYS C 108 -19.59 -21.56 6.34
CA LYS C 108 -20.17 -20.79 7.41
C LYS C 108 -20.01 -19.26 7.31
N LEU C 109 -20.44 -18.65 6.20
CA LEU C 109 -20.23 -17.19 6.00
C LEU C 109 -21.06 -16.27 6.94
N MET D 1 -17.61 -11.44 3.82
CA MET D 1 -18.51 -10.25 3.71
C MET D 1 -17.99 -9.08 4.54
N VAL D 2 -17.98 -7.90 3.94
CA VAL D 2 -17.14 -6.88 4.45
C VAL D 2 -17.94 -5.58 4.43
N PRO D 3 -17.46 -4.51 5.13
CA PRO D 3 -17.95 -3.14 4.99
C PRO D 3 -17.92 -2.70 3.57
N VAL D 4 -19.05 -2.22 3.06
CA VAL D 4 -19.12 -1.63 1.74
C VAL D 4 -18.95 -0.12 1.92
N ARG D 5 -17.86 0.39 1.41
CA ARG D 5 -17.54 1.77 1.55
C ARG D 5 -17.51 2.52 0.19
N MET D 6 -18.20 3.66 0.20
CA MET D 6 -18.27 4.70 -0.85
C MET D 6 -17.64 6.02 -0.39
N ALA D 7 -16.84 6.59 -1.21
CA ALA D 7 -16.42 7.93 -0.95
C ALA D 7 -17.14 8.92 -1.90
N VAL D 8 -17.21 10.20 -1.50
CA VAL D 8 -17.93 11.15 -2.40
C VAL D 8 -16.96 12.33 -2.46
N ILE D 9 -16.62 12.76 -3.69
CA ILE D 9 -15.74 13.82 -3.96
C ILE D 9 -16.63 14.93 -4.56
N ALA D 10 -16.68 16.00 -3.83
CA ALA D 10 -17.51 17.12 -4.23
C ALA D 10 -16.84 18.45 -3.86
N ASP D 11 -17.48 19.57 -4.17
CA ASP D 11 -16.94 20.87 -3.73
C ASP D 11 -16.86 20.94 -2.17
N PRO D 12 -15.97 21.78 -1.62
CA PRO D 12 -15.75 21.64 -0.17
C PRO D 12 -17.02 21.65 0.77
N GLU D 13 -17.95 22.56 0.47
CA GLU D 13 -19.14 22.78 1.23
C GLU D 13 -20.02 21.64 1.14
N THR D 14 -20.19 21.15 -0.07
CA THR D 14 -21.03 19.95 -0.28
C THR D 14 -20.42 18.76 0.45
N ALA D 15 -19.11 18.60 0.31
CA ALA D 15 -18.37 17.49 1.01
C ALA D 15 -18.65 17.57 2.49
N GLN D 16 -18.61 18.73 3.08
CA GLN D 16 -18.96 18.94 4.55
C GLN D 16 -20.37 18.42 4.86
N GLY D 17 -21.27 18.62 3.92
CA GLY D 17 -22.66 18.21 4.07
C GLY D 17 -22.77 16.74 4.08
N PHE D 18 -22.01 16.09 3.24
CA PHE D 18 -22.05 14.64 3.19
C PHE D 18 -21.50 14.10 4.41
N ARG D 19 -20.51 14.75 5.05
CA ARG D 19 -19.85 14.21 6.26
C ARG D 19 -20.81 14.30 7.47
N LEU D 20 -21.57 15.38 7.56
CA LEU D 20 -22.69 15.51 8.47
C LEU D 20 -23.72 14.45 8.35
N ALA D 21 -24.05 14.12 7.11
CA ALA D 21 -25.03 13.12 6.82
C ALA D 21 -24.51 11.68 6.99
N GLY D 22 -23.33 11.40 7.57
CA GLY D 22 -22.83 10.04 7.70
C GLY D 22 -22.05 9.45 6.55
N LEU D 23 -21.80 10.22 5.52
CA LEU D 23 -21.02 9.69 4.40
C LEU D 23 -19.63 10.18 4.33
N GLU D 24 -18.77 9.48 3.59
CA GLU D 24 -17.38 9.85 3.53
C GLU D 24 -17.17 10.83 2.37
N GLY D 25 -17.38 12.10 2.60
CA GLY D 25 -17.19 13.12 1.63
C GLY D 25 -15.79 13.74 1.75
N TYR D 26 -15.15 14.06 0.57
CA TYR D 26 -13.87 14.74 0.47
C TYR D 26 -14.09 15.98 -0.42
N GLY D 27 -13.56 17.07 -0.04
CA GLY D 27 -13.72 18.20 -0.87
C GLY D 27 -12.57 18.46 -1.79
N ALA D 28 -12.93 18.94 -2.96
CA ALA D 28 -11.97 19.21 -4.03
C ALA D 28 -12.38 20.53 -4.66
N SER D 29 -11.46 21.40 -5.03
CA SER D 29 -11.84 22.61 -5.74
C SER D 29 -11.31 22.68 -7.15
N SER D 30 -10.67 21.62 -7.64
CA SER D 30 -10.20 21.57 -9.03
C SER D 30 -10.15 20.08 -9.43
N ALA D 31 -10.15 19.83 -10.72
CA ALA D 31 -10.05 18.50 -11.31
C ALA D 31 -8.85 17.74 -10.82
N GLU D 32 -7.75 18.45 -10.67
CA GLU D 32 -6.57 17.75 -10.32
C GLU D 32 -6.59 17.31 -8.83
N GLU D 33 -6.95 18.19 -7.88
CA GLU D 33 -7.25 17.81 -6.50
C GLU D 33 -8.22 16.59 -6.43
N ALA D 34 -9.32 16.55 -7.22
CA ALA D 34 -10.08 15.31 -7.30
C ALA D 34 -9.26 14.09 -7.82
N GLN D 35 -8.35 14.28 -8.79
CA GLN D 35 -7.72 13.13 -9.37
C GLN D 35 -6.76 12.63 -8.33
N SER D 36 -6.17 13.56 -7.62
CA SER D 36 -5.33 13.21 -6.48
C SER D 36 -6.06 12.57 -5.35
N LEU D 37 -7.19 13.08 -4.97
CA LEU D 37 -7.98 12.31 -4.04
C LEU D 37 -8.32 10.86 -4.61
N LEU D 38 -8.63 10.72 -5.90
CA LEU D 38 -8.96 9.39 -6.40
C LEU D 38 -7.80 8.45 -6.21
N GLU D 39 -6.64 8.92 -6.58
CA GLU D 39 -5.48 8.08 -6.42
C GLU D 39 -5.22 7.73 -4.96
N THR D 40 -5.29 8.70 -4.08
CA THR D 40 -5.12 8.37 -2.64
C THR D 40 -6.13 7.34 -2.05
N LEU D 41 -7.38 7.49 -2.46
CA LEU D 41 -8.43 6.54 -2.11
C LEU D 41 -8.16 5.19 -2.63
N VAL D 42 -7.70 5.11 -3.84
CA VAL D 42 -7.38 3.87 -4.41
C VAL D 42 -6.16 3.24 -3.71
N GLU D 43 -5.15 4.05 -3.44
CA GLU D 43 -3.94 3.41 -2.90
C GLU D 43 -4.24 3.00 -1.45
N ARG D 44 -5.10 3.71 -0.74
CA ARG D 44 -5.57 3.27 0.60
C ARG D 44 -6.26 1.93 0.53
N GLY D 45 -7.12 1.78 -0.44
CA GLY D 45 -7.66 0.50 -0.73
C GLY D 45 -9.06 0.09 -0.33
N GLY D 46 -9.76 0.78 0.62
CA GLY D 46 -11.13 0.12 1.04
C GLY D 46 -12.52 0.48 0.36
N TYR D 47 -12.49 1.16 -0.77
CA TYR D 47 -13.68 1.75 -1.38
C TYR D 47 -14.21 0.89 -2.55
N ALA D 48 -15.46 0.42 -2.52
CA ALA D 48 -16.13 -0.21 -3.68
C ALA D 48 -16.59 0.79 -4.79
N LEU D 49 -16.76 2.05 -4.41
CA LEU D 49 -17.43 3.02 -5.28
C LEU D 49 -16.92 4.38 -4.87
N VAL D 50 -16.66 5.22 -5.86
CA VAL D 50 -16.36 6.63 -5.63
C VAL D 50 -17.24 7.49 -6.49
N ALA D 51 -18.13 8.23 -5.85
CA ALA D 51 -18.93 9.24 -6.56
C ALA D 51 -18.23 10.61 -6.62
N VAL D 52 -18.23 11.20 -7.82
CA VAL D 52 -17.50 12.48 -8.05
C VAL D 52 -18.42 13.47 -8.69
N ASP D 53 -18.41 14.67 -8.18
CA ASP D 53 -19.27 15.71 -8.84
C ASP D 53 -18.77 15.83 -10.28
N GLU D 54 -19.63 15.70 -11.24
CA GLU D 54 -19.22 15.75 -12.58
C GLU D 54 -18.39 16.98 -12.95
N ALA D 55 -18.62 18.16 -12.28
CA ALA D 55 -17.96 19.33 -12.67
C ALA D 55 -16.49 19.17 -12.31
N LEU D 56 -16.15 18.12 -11.59
CA LEU D 56 -14.78 17.89 -11.16
C LEU D 56 -14.07 16.80 -11.98
N LEU D 57 -14.66 16.34 -13.05
CA LEU D 57 -14.22 15.12 -13.71
C LEU D 57 -14.37 15.33 -15.18
N PRO D 58 -13.36 15.96 -15.80
CA PRO D 58 -13.43 16.30 -17.15
C PRO D 58 -13.58 15.09 -18.08
N ASP D 59 -13.06 13.92 -17.72
CA ASP D 59 -13.10 12.82 -18.72
C ASP D 59 -12.82 11.59 -17.92
N PRO D 60 -13.89 10.87 -17.54
CA PRO D 60 -13.84 9.70 -16.68
C PRO D 60 -13.07 8.49 -17.27
N GLU D 61 -12.95 8.38 -18.59
CA GLU D 61 -12.13 7.36 -19.21
C GLU D 61 -10.71 7.65 -18.90
N ARG D 62 -10.36 8.93 -19.03
CA ARG D 62 -9.03 9.34 -18.76
C ARG D 62 -8.66 9.20 -17.28
N ALA D 63 -9.58 9.51 -16.39
CA ALA D 63 -9.29 9.44 -15.04
C ALA D 63 -8.96 7.92 -14.69
N VAL D 64 -9.63 6.94 -15.29
CA VAL D 64 -9.38 5.55 -14.99
C VAL D 64 -8.02 5.23 -15.52
N GLU D 65 -7.72 5.72 -16.71
CA GLU D 65 -6.51 5.35 -17.41
C GLU D 65 -5.27 5.76 -16.66
N ARG D 66 -5.23 7.02 -16.25
CA ARG D 66 -4.34 7.49 -15.11
C ARG D 66 -4.26 6.69 -13.75
N LEU D 67 -5.38 6.27 -13.15
CA LEU D 67 -5.34 5.27 -12.02
C LEU D 67 -4.64 3.96 -12.39
N MET D 68 -4.95 3.45 -13.60
CA MET D 68 -4.23 2.25 -14.15
C MET D 68 -2.77 2.42 -14.44
N ARG D 69 -2.39 3.63 -14.84
CA ARG D 69 -0.95 4.06 -15.05
C ARG D 69 -0.33 4.56 -13.71
N GLY D 70 -1.08 4.52 -12.61
CA GLY D 70 -0.73 5.25 -11.38
C GLY D 70 -0.06 4.38 -10.34
N ARG D 71 0.24 3.17 -10.73
CA ARG D 71 0.95 2.26 -9.89
C ARG D 71 2.46 2.68 -9.63
N ASP D 72 3.04 3.51 -10.55
CA ASP D 72 4.21 4.55 -10.37
C ASP D 72 5.76 4.15 -10.43
N LEU D 73 6.35 4.11 -11.62
CA LEU D 73 7.13 2.96 -12.15
C LEU D 73 8.53 2.56 -11.59
N PRO D 74 8.70 1.27 -11.06
CA PRO D 74 9.98 0.49 -10.78
C PRO D 74 10.52 0.10 -12.04
N VAL D 75 11.54 0.86 -12.46
CA VAL D 75 12.34 0.69 -13.67
C VAL D 75 12.66 -0.74 -13.97
N LEU D 76 12.65 -1.14 -15.23
CA LEU D 76 12.63 -2.59 -15.53
C LEU D 76 13.68 -2.86 -16.60
N LEU D 77 14.56 -3.80 -16.34
CA LEU D 77 15.81 -3.82 -17.01
C LEU D 77 16.05 -5.28 -17.29
N PRO D 78 15.78 -5.74 -18.54
CA PRO D 78 15.97 -7.11 -18.95
C PRO D 78 17.46 -7.31 -19.08
N ILE D 79 17.98 -8.49 -18.66
CA ILE D 79 19.41 -8.74 -18.67
C ILE D 79 19.81 -10.10 -19.21
N ALA D 80 20.73 -10.09 -20.17
CA ALA D 80 21.21 -11.29 -20.91
C ALA D 80 21.76 -12.48 -20.08
N GLY D 81 22.90 -12.27 -19.40
CA GLY D 81 23.45 -13.35 -18.54
C GLY D 81 23.62 -13.03 -17.04
N LEU D 82 22.52 -12.85 -16.31
CA LEU D 82 22.58 -12.82 -14.81
C LEU D 82 23.43 -13.93 -14.09
N LYS D 83 23.41 -15.16 -14.60
CA LYS D 83 24.25 -16.27 -14.13
C LYS D 83 25.67 -15.85 -13.73
N GLU D 84 26.32 -15.08 -14.59
CA GLU D 84 27.73 -14.75 -14.46
C GLU D 84 28.06 -13.64 -13.45
N ALA D 85 27.07 -13.19 -12.68
CA ALA D 85 27.37 -12.54 -11.40
C ALA D 85 28.00 -13.53 -10.35
N PHE D 86 28.41 -14.71 -10.77
CA PHE D 86 29.22 -15.57 -9.93
C PHE D 86 30.46 -16.05 -10.68
N GLN D 87 31.11 -15.16 -11.44
CA GLN D 87 32.46 -15.45 -11.97
C GLN D 87 33.46 -14.94 -10.96
N GLY D 88 33.21 -13.72 -10.48
CA GLY D 88 33.99 -13.06 -9.43
C GLY D 88 33.09 -12.60 -8.28
N HIS D 89 33.63 -12.71 -7.06
CA HIS D 89 32.86 -12.54 -5.82
C HIS D 89 32.60 -11.08 -5.45
N ASP D 90 32.03 -10.33 -6.38
CA ASP D 90 31.51 -9.03 -6.02
C ASP D 90 30.17 -8.80 -6.69
N VAL D 91 29.27 -9.74 -6.45
CA VAL D 91 27.93 -9.75 -7.05
C VAL D 91 27.30 -8.36 -7.08
N GLU D 92 27.36 -7.64 -5.96
CA GLU D 92 26.87 -6.28 -5.91
C GLU D 92 27.64 -5.34 -6.87
N GLY D 93 28.96 -5.25 -6.70
CA GLY D 93 29.76 -4.40 -7.59
C GLY D 93 29.30 -4.54 -9.04
N TYR D 94 29.36 -5.78 -9.52
CA TYR D 94 28.94 -6.19 -10.88
C TYR D 94 27.57 -5.63 -11.24
N MET D 95 26.66 -5.69 -10.27
CA MET D 95 25.26 -5.29 -10.49
C MET D 95 25.12 -3.78 -10.69
N ARG D 96 25.65 -3.03 -9.75
CA ARG D 96 25.72 -1.56 -9.85
C ARG D 96 26.40 -1.09 -11.15
N GLU D 97 27.35 -1.89 -11.65
CA GLU D 97 28.09 -1.52 -12.84
C GLU D 97 27.28 -1.89 -14.08
N LEU D 98 26.88 -3.15 -14.20
CA LEU D 98 25.92 -3.55 -15.22
C LEU D 98 24.76 -2.58 -15.36
N VAL D 99 24.12 -2.26 -14.24
CA VAL D 99 23.01 -1.35 -14.26
C VAL D 99 23.44 0.01 -14.83
N ARG D 100 24.64 0.45 -14.45
CA ARG D 100 25.19 1.70 -14.96
C ARG D 100 25.50 1.66 -16.44
N LYS D 101 25.92 0.52 -16.97
CA LYS D 101 26.15 0.39 -18.43
C LYS D 101 24.82 0.52 -19.15
N THR D 102 23.88 -0.28 -18.68
CA THR D 102 22.62 -0.51 -19.34
C THR D 102 21.83 0.78 -19.29
N ILE D 103 21.45 1.17 -18.09
CA ILE D 103 20.45 2.22 -17.90
C ILE D 103 21.05 3.65 -18.01
N GLY D 104 22.38 3.73 -18.06
CA GLY D 104 23.05 5.01 -18.21
C GLY D 104 23.04 5.80 -16.94
N PHE D 105 22.76 5.08 -15.86
CA PHE D 105 22.49 5.66 -14.57
C PHE D 105 23.40 4.98 -13.59
N ASP D 106 23.91 5.72 -12.62
CA ASP D 106 24.48 5.07 -11.48
C ASP D 106 23.32 4.62 -10.61
N ILE D 107 23.56 3.69 -9.70
CA ILE D 107 22.54 3.30 -8.74
C ILE D 107 23.18 3.11 -7.35
N LYS D 108 22.38 3.47 -6.36
CA LYS D 108 22.83 3.54 -5.01
C LYS D 108 22.20 2.41 -4.24
N LEU D 109 23.01 1.37 -4.07
CA LEU D 109 22.55 0.13 -3.45
C LEU D 109 23.09 -0.08 -2.03
N MET E 1 -15.95 -21.11 17.36
CA MET E 1 -16.38 -21.13 15.93
C MET E 1 -15.69 -19.98 15.11
N VAL E 2 -14.64 -20.38 14.35
CA VAL E 2 -13.83 -19.47 13.55
C VAL E 2 -14.71 -18.86 12.43
N PRO E 3 -14.35 -17.68 11.92
CA PRO E 3 -15.05 -17.10 10.76
C PRO E 3 -14.70 -17.67 9.43
N VAL E 4 -15.70 -18.00 8.63
CA VAL E 4 -15.36 -18.42 7.28
C VAL E 4 -15.29 -17.23 6.32
N ARG E 5 -14.10 -17.05 5.78
CA ARG E 5 -13.79 -16.01 4.90
C ARG E 5 -13.58 -16.62 3.51
N MET E 6 -14.30 -16.05 2.55
CA MET E 6 -14.33 -16.45 1.21
C MET E 6 -13.93 -15.24 0.35
N ALA E 7 -13.10 -15.52 -0.58
CA ALA E 7 -12.80 -14.56 -1.59
C ALA E 7 -13.35 -15.01 -2.97
N VAL E 8 -13.48 -14.07 -3.91
CA VAL E 8 -14.01 -14.34 -5.22
C VAL E 8 -13.07 -13.68 -6.25
N ILE E 9 -12.62 -14.48 -7.21
CA ILE E 9 -11.78 -14.00 -8.31
C ILE E 9 -12.60 -14.08 -9.65
N ALA E 10 -12.85 -12.88 -10.22
CA ALA E 10 -13.62 -12.78 -11.46
C ALA E 10 -13.06 -11.76 -12.36
N ASP E 11 -13.64 -11.61 -13.54
CA ASP E 11 -13.28 -10.48 -14.42
C ASP E 11 -13.41 -9.09 -13.70
N PRO E 12 -12.64 -8.09 -14.09
CA PRO E 12 -12.65 -6.87 -13.28
C PRO E 12 -14.02 -6.19 -12.99
N GLU E 13 -14.91 -6.12 -13.98
CA GLU E 13 -16.26 -5.58 -13.78
C GLU E 13 -17.09 -6.41 -12.86
N THR E 14 -17.04 -7.71 -13.06
CA THR E 14 -17.70 -8.66 -12.10
C THR E 14 -17.13 -8.55 -10.69
N ALA E 15 -15.81 -8.46 -10.56
CA ALA E 15 -15.18 -8.31 -9.27
C ALA E 15 -15.72 -7.02 -8.57
N GLN E 16 -15.89 -5.95 -9.31
CA GLN E 16 -16.54 -4.72 -8.81
C GLN E 16 -17.94 -4.86 -8.29
N GLY E 17 -18.68 -5.73 -8.93
CA GLY E 17 -20.06 -6.04 -8.53
C GLY E 17 -20.08 -6.74 -7.20
N PHE E 18 -19.21 -7.75 -7.05
CA PHE E 18 -19.10 -8.46 -5.77
C PHE E 18 -18.78 -7.51 -4.64
N ARG E 19 -17.81 -6.62 -4.85
CA ARG E 19 -17.38 -5.69 -3.79
C ARG E 19 -18.48 -4.75 -3.42
N LEU E 20 -19.25 -4.31 -4.40
CA LEU E 20 -20.43 -3.47 -4.18
C LEU E 20 -21.51 -4.24 -3.33
N ALA E 21 -21.54 -5.56 -3.47
CA ALA E 21 -22.41 -6.40 -2.68
C ALA E 21 -21.85 -6.76 -1.31
N GLY E 22 -20.69 -6.24 -0.87
CA GLY E 22 -20.10 -6.62 0.41
C GLY E 22 -19.31 -7.92 0.38
N LEU E 23 -19.06 -8.49 -0.79
CA LEU E 23 -18.13 -9.65 -0.91
C LEU E 23 -16.70 -9.27 -1.31
N GLU E 24 -15.72 -10.12 -0.97
CA GLU E 24 -14.30 -9.84 -1.25
C GLU E 24 -13.99 -10.22 -2.64
N GLY E 25 -14.24 -9.37 -3.58
CA GLY E 25 -14.03 -9.76 -5.03
C GLY E 25 -12.73 -9.20 -5.53
N TYR E 26 -12.03 -9.91 -6.37
CA TYR E 26 -10.77 -9.40 -6.88
C TYR E 26 -10.84 -9.65 -8.45
N GLY E 27 -10.40 -8.70 -9.24
CA GLY E 27 -10.61 -8.79 -10.66
C GLY E 27 -9.32 -9.31 -11.25
N ALA E 28 -9.44 -10.09 -12.28
CA ALA E 28 -8.26 -10.52 -12.94
C ALA E 28 -8.65 -10.64 -14.38
N SER E 29 -7.68 -10.27 -15.26
CA SER E 29 -7.92 -10.28 -16.70
C SER E 29 -7.28 -11.51 -17.41
N SER E 30 -6.63 -12.36 -16.62
CA SER E 30 -6.12 -13.64 -17.12
C SER E 30 -5.72 -14.65 -16.05
N ALA E 31 -5.57 -15.88 -16.53
CA ALA E 31 -5.09 -17.00 -15.75
C ALA E 31 -3.90 -16.68 -14.84
N GLU E 32 -2.87 -16.04 -15.39
CA GLU E 32 -1.67 -15.74 -14.66
C GLU E 32 -1.93 -14.65 -13.64
N GLU E 33 -2.85 -13.73 -13.92
CA GLU E 33 -3.22 -12.73 -12.92
C GLU E 33 -3.94 -13.38 -11.81
N ALA E 34 -4.92 -14.19 -12.16
CA ALA E 34 -5.54 -15.06 -11.12
C ALA E 34 -4.60 -15.84 -10.26
N GLN E 35 -3.51 -16.35 -10.82
CA GLN E 35 -2.65 -17.20 -10.02
C GLN E 35 -1.88 -16.26 -9.03
N SER E 36 -1.50 -15.06 -9.48
CA SER E 36 -0.74 -14.23 -8.59
C SER E 36 -1.62 -13.75 -7.43
N LEU E 37 -2.91 -13.54 -7.72
CA LEU E 37 -3.92 -13.23 -6.69
C LEU E 37 -4.06 -14.34 -5.68
N LEU E 38 -4.14 -15.56 -6.20
CA LEU E 38 -4.08 -16.74 -5.26
C LEU E 38 -2.90 -16.75 -4.24
N GLU E 39 -1.68 -16.57 -4.72
CA GLU E 39 -0.51 -16.43 -3.88
C GLU E 39 -0.66 -15.29 -2.88
N THR E 40 -1.03 -14.12 -3.35
CA THR E 40 -1.23 -13.00 -2.38
C THR E 40 -2.24 -13.50 -1.25
N LEU E 41 -3.39 -14.06 -1.64
CA LEU E 41 -4.44 -14.49 -0.68
C LEU E 41 -3.92 -15.54 0.23
N VAL E 42 -3.16 -16.47 -0.31
CA VAL E 42 -2.51 -17.49 0.55
C VAL E 42 -1.50 -16.84 1.51
N GLU E 43 -0.66 -15.98 0.96
CA GLU E 43 0.36 -15.31 1.78
C GLU E 43 -0.28 -14.56 2.96
N ARG E 44 -1.41 -13.91 2.70
CA ARG E 44 -2.14 -13.20 3.70
C ARG E 44 -2.81 -14.06 4.77
N GLY E 45 -3.55 -15.11 4.35
CA GLY E 45 -3.82 -16.23 5.31
C GLY E 45 -5.20 -16.68 5.82
N GLY E 46 -6.19 -15.81 5.85
CA GLY E 46 -7.44 -16.29 6.52
C GLY E 46 -8.64 -16.72 5.68
N TYR E 47 -8.40 -17.33 4.53
CA TYR E 47 -9.47 -17.68 3.55
C TYR E 47 -9.69 -19.15 3.59
N ALA E 48 -10.90 -19.64 3.82
CA ALA E 48 -11.20 -21.04 3.80
C ALA E 48 -11.41 -21.50 2.34
N LEU E 49 -11.69 -20.52 1.51
CA LEU E 49 -12.22 -20.70 0.13
C LEU E 49 -12.03 -19.56 -0.75
N VAL E 50 -11.54 -19.87 -1.96
CA VAL E 50 -11.60 -18.96 -3.09
C VAL E 50 -12.45 -19.49 -4.21
N ALA E 51 -13.44 -18.74 -4.58
CA ALA E 51 -14.24 -19.03 -5.73
C ALA E 51 -13.74 -18.29 -6.94
N VAL E 52 -13.53 -18.99 -8.04
CA VAL E 52 -12.89 -18.38 -9.19
C VAL E 52 -13.73 -18.66 -10.44
N ASP E 53 -13.90 -17.62 -11.26
CA ASP E 53 -14.55 -17.84 -12.54
C ASP E 53 -13.74 -18.87 -13.33
N GLU E 54 -14.39 -19.85 -13.86
CA GLU E 54 -13.59 -20.90 -14.31
C GLU E 54 -12.84 -20.63 -15.62
N ALA E 55 -13.16 -19.57 -16.36
CA ALA E 55 -12.30 -19.20 -17.45
C ALA E 55 -10.96 -18.70 -16.89
N LEU E 56 -10.91 -18.22 -15.65
CA LEU E 56 -9.64 -17.92 -14.97
C LEU E 56 -9.01 -19.05 -14.05
N LEU E 57 -9.60 -20.23 -13.94
CA LEU E 57 -9.03 -21.35 -13.17
C LEU E 57 -9.62 -22.58 -13.82
N PRO E 58 -9.15 -22.88 -15.01
CA PRO E 58 -9.68 -24.08 -15.61
C PRO E 58 -9.11 -25.34 -14.99
N ASP E 59 -8.17 -25.26 -14.04
CA ASP E 59 -7.34 -26.41 -13.57
C ASP E 59 -6.93 -26.14 -12.08
N PRO E 60 -7.88 -26.25 -11.14
CA PRO E 60 -7.58 -26.06 -9.70
C PRO E 60 -6.36 -26.86 -9.24
N GLU E 61 -6.09 -28.00 -9.86
CA GLU E 61 -5.02 -28.93 -9.41
C GLU E 61 -3.64 -28.33 -9.79
N ARG E 62 -3.51 -27.87 -11.03
CA ARG E 62 -2.33 -27.14 -11.49
C ARG E 62 -2.05 -25.91 -10.62
N ALA E 63 -3.06 -25.09 -10.45
CA ALA E 63 -3.01 -23.93 -9.58
C ALA E 63 -2.59 -24.26 -8.11
N VAL E 64 -3.12 -25.34 -7.60
CA VAL E 64 -2.71 -25.78 -6.27
C VAL E 64 -1.22 -26.19 -6.30
N GLU E 65 -0.76 -26.76 -7.42
CA GLU E 65 0.56 -27.26 -7.48
C GLU E 65 1.48 -26.11 -7.52
N ARG E 66 1.02 -24.95 -7.90
CA ARG E 66 1.94 -23.78 -8.00
C ARG E 66 2.03 -23.00 -6.65
N LEU E 67 0.90 -22.93 -5.96
CA LEU E 67 0.82 -22.48 -4.52
C LEU E 67 1.72 -23.31 -3.61
N MET E 68 1.59 -24.63 -3.63
CA MET E 68 2.51 -25.43 -2.79
C MET E 68 3.97 -25.18 -3.17
N ARG E 69 4.21 -24.94 -4.48
CA ARG E 69 5.57 -25.09 -5.06
C ARG E 69 6.17 -23.75 -4.97
N GLY E 70 5.53 -22.75 -5.58
CA GLY E 70 6.14 -21.52 -6.11
C GLY E 70 7.44 -21.18 -5.45
N ARG E 71 7.37 -21.28 -4.13
CA ARG E 71 8.47 -21.11 -3.26
C ARG E 71 9.85 -21.10 -3.93
N ASP E 72 10.44 -19.91 -3.86
CA ASP E 72 11.88 -19.80 -3.63
C ASP E 72 12.19 -20.64 -2.41
N LEU E 73 13.19 -21.48 -2.60
CA LEU E 73 13.83 -22.22 -1.57
C LEU E 73 15.23 -21.73 -1.21
N PRO E 74 15.62 -21.94 0.08
CA PRO E 74 16.97 -21.92 0.63
C PRO E 74 17.82 -22.97 -0.02
N VAL E 75 19.11 -22.72 -0.15
CA VAL E 75 20.01 -23.81 -0.57
C VAL E 75 19.93 -24.79 0.58
N LEU E 76 19.69 -26.07 0.31
CA LEU E 76 19.46 -27.00 1.45
C LEU E 76 20.70 -27.72 1.44
N LEU E 77 21.40 -27.82 2.56
CA LEU E 77 22.76 -28.32 2.44
C LEU E 77 23.11 -29.45 3.40
N PRO E 78 23.18 -30.67 2.90
CA PRO E 78 23.59 -31.76 3.75
C PRO E 78 25.11 -31.72 3.94
N ILE E 79 25.59 -31.73 5.20
CA ILE E 79 27.03 -31.50 5.53
C ILE E 79 27.52 -32.65 6.30
N ALA E 80 28.60 -33.24 5.76
CA ALA E 80 29.36 -34.34 6.31
C ALA E 80 30.22 -34.15 7.61
N GLY E 81 30.61 -32.97 8.05
CA GLY E 81 31.21 -32.99 9.45
C GLY E 81 30.95 -31.82 10.38
N LEU E 82 29.71 -31.60 10.76
CA LEU E 82 29.41 -30.35 11.49
C LEU E 82 30.06 -30.35 12.85
N LYS E 83 30.21 -31.55 13.41
CA LYS E 83 30.78 -31.77 14.71
C LYS E 83 32.26 -31.32 14.73
N GLU E 84 32.95 -31.37 13.60
CA GLU E 84 34.38 -31.07 13.50
C GLU E 84 34.62 -29.57 13.53
N ALA E 85 33.54 -28.84 13.27
CA ALA E 85 33.49 -27.41 13.35
C ALA E 85 33.55 -26.87 14.72
N PHE E 86 33.79 -27.70 15.75
CA PHE E 86 34.10 -27.22 17.13
C PHE E 86 35.55 -27.52 17.48
N GLN E 87 36.28 -28.12 16.53
CA GLN E 87 37.71 -28.50 16.73
C GLN E 87 38.56 -27.25 16.81
N GLY E 88 38.36 -26.35 15.83
CA GLY E 88 38.86 -24.97 15.94
C GLY E 88 37.96 -24.10 16.83
N HIS E 89 38.30 -22.82 16.88
CA HIS E 89 37.75 -21.92 17.87
C HIS E 89 37.23 -20.68 17.14
N ASP E 90 36.77 -20.93 15.91
CA ASP E 90 36.02 -19.96 15.13
C ASP E 90 35.07 -20.82 14.34
N VAL E 91 33.79 -20.83 14.74
CA VAL E 91 32.82 -21.79 14.20
C VAL E 91 32.16 -21.12 12.99
N GLU E 92 31.89 -19.85 13.18
CA GLU E 92 31.41 -18.94 12.16
C GLU E 92 32.28 -18.91 10.88
N GLY E 93 33.61 -18.97 11.08
CA GLY E 93 34.59 -18.94 10.02
C GLY E 93 34.62 -20.26 9.31
N TYR E 94 34.61 -21.33 10.10
CA TYR E 94 34.63 -22.73 9.60
C TYR E 94 33.42 -22.95 8.67
N MET E 95 32.27 -22.49 9.14
CA MET E 95 31.01 -22.66 8.42
C MET E 95 30.94 -21.86 7.14
N ARG E 96 31.38 -20.63 7.20
CA ARG E 96 31.52 -19.85 5.97
C ARG E 96 32.39 -20.55 4.88
N GLU E 97 33.54 -21.12 5.27
CA GLU E 97 34.36 -21.88 4.33
C GLU E 97 33.67 -23.17 3.90
N LEU E 98 32.95 -23.81 4.79
CA LEU E 98 32.22 -25.01 4.41
C LEU E 98 31.18 -24.81 3.29
N VAL E 99 30.35 -23.78 3.39
CA VAL E 99 29.60 -23.34 2.21
C VAL E 99 30.46 -22.94 0.93
N ARG E 100 31.53 -22.23 1.12
CA ARG E 100 32.20 -21.70 -0.04
C ARG E 100 32.88 -22.86 -0.79
N LYS E 101 33.45 -23.78 0.01
CA LYS E 101 34.15 -24.99 -0.47
C LYS E 101 33.20 -25.81 -1.27
N THR E 102 32.03 -25.92 -0.70
CA THR E 102 31.00 -26.73 -1.20
C THR E 102 30.32 -26.15 -2.41
N ILE E 103 29.58 -25.06 -2.23
CA ILE E 103 28.69 -24.61 -3.31
C ILE E 103 29.31 -23.47 -4.08
N GLY E 104 30.53 -23.10 -3.72
CA GLY E 104 31.31 -22.19 -4.56
C GLY E 104 30.97 -20.76 -4.24
N PHE E 105 29.67 -20.46 -4.26
CA PHE E 105 29.17 -19.16 -3.84
C PHE E 105 29.67 -18.97 -2.40
N ASP E 106 30.41 -17.90 -2.18
CA ASP E 106 30.67 -17.38 -0.84
C ASP E 106 29.35 -16.93 -0.27
N ILE E 107 29.09 -17.20 1.01
CA ILE E 107 27.86 -16.74 1.65
C ILE E 107 28.21 -15.59 2.59
N LYS E 108 27.23 -14.73 2.82
CA LYS E 108 27.44 -13.48 3.56
C LYS E 108 27.03 -13.57 5.04
N LEU E 109 27.82 -14.36 5.79
CA LEU E 109 27.77 -14.43 7.26
C LEU E 109 29.05 -13.82 7.94
N MET F 1 -22.89 3.17 5.92
CA MET F 1 -22.98 4.60 6.35
C MET F 1 -22.36 4.81 7.75
N VAL F 2 -21.30 5.69 7.77
CA VAL F 2 -20.30 5.78 8.83
C VAL F 2 -20.76 6.74 10.00
N PRO F 3 -20.28 6.51 11.24
CA PRO F 3 -20.59 7.39 12.40
C PRO F 3 -20.01 8.80 12.31
N VAL F 4 -20.88 9.77 12.69
CA VAL F 4 -20.55 11.16 12.46
C VAL F 4 -19.82 11.68 13.70
N ARG F 5 -18.65 12.25 13.48
CA ARG F 5 -17.80 12.57 14.57
C ARG F 5 -17.85 14.06 14.86
N MET F 6 -18.21 14.46 16.04
CA MET F 6 -18.32 15.81 16.46
C MET F 6 -17.50 16.03 17.70
N ALA F 7 -16.84 17.17 17.75
CA ALA F 7 -16.22 17.57 19.04
C ALA F 7 -16.83 18.88 19.55
N VAL F 8 -16.66 19.12 20.82
CA VAL F 8 -17.19 20.23 21.56
C VAL F 8 -15.99 20.81 22.32
N ILE F 9 -15.71 22.10 22.11
CA ILE F 9 -14.60 22.82 22.77
C ILE F 9 -15.28 23.82 23.68
N ALA F 10 -15.07 23.64 25.00
CA ALA F 10 -15.75 24.54 25.98
C ALA F 10 -14.89 24.73 27.17
N ASP F 11 -15.35 25.46 28.16
CA ASP F 11 -14.57 25.72 29.32
C ASP F 11 -14.33 24.35 30.05
N PRO F 12 -13.25 24.20 30.86
CA PRO F 12 -12.87 22.88 31.33
C PRO F 12 -13.96 22.06 32.00
N GLU F 13 -14.79 22.65 32.90
CA GLU F 13 -15.78 21.87 33.54
C GLU F 13 -16.95 21.49 32.63
N THR F 14 -17.43 22.42 31.78
CA THR F 14 -18.38 22.07 30.81
C THR F 14 -17.88 20.91 29.91
N ALA F 15 -16.69 20.96 29.36
CA ALA F 15 -16.10 19.85 28.60
C ALA F 15 -16.14 18.58 29.44
N GLN F 16 -15.90 18.63 30.82
CA GLN F 16 -15.90 17.36 31.63
C GLN F 16 -17.30 16.82 31.60
N GLY F 17 -18.31 17.67 31.59
CA GLY F 17 -19.67 17.21 31.59
C GLY F 17 -20.09 16.58 30.28
N PHE F 18 -19.61 17.14 29.18
CA PHE F 18 -19.76 16.53 27.90
C PHE F 18 -19.18 15.16 27.85
N ARG F 19 -18.02 14.93 28.42
CA ARG F 19 -17.45 13.60 28.50
C ARG F 19 -18.23 12.63 29.35
N LEU F 20 -18.70 13.08 30.52
CA LEU F 20 -19.54 12.23 31.39
C LEU F 20 -20.85 11.78 30.69
N ALA F 21 -21.37 12.57 29.78
CA ALA F 21 -22.48 12.21 28.93
C ALA F 21 -22.08 11.48 27.59
N GLY F 22 -20.85 11.09 27.37
CA GLY F 22 -20.52 10.23 26.26
C GLY F 22 -20.22 11.08 25.00
N LEU F 23 -20.00 12.38 25.12
CA LEU F 23 -19.61 13.22 24.00
C LEU F 23 -18.12 13.59 24.04
N GLU F 24 -17.61 14.04 22.92
CA GLU F 24 -16.20 14.26 22.78
C GLU F 24 -15.88 15.71 23.12
N GLY F 25 -15.77 15.99 24.43
CA GLY F 25 -15.52 17.32 24.93
C GLY F 25 -14.05 17.60 25.12
N TYR F 26 -13.62 18.83 24.78
CA TYR F 26 -12.21 19.22 24.97
C TYR F 26 -12.17 20.55 25.81
N GLY F 27 -11.46 20.60 26.91
CA GLY F 27 -11.42 21.85 27.68
C GLY F 27 -10.42 22.85 27.14
N ALA F 28 -10.84 24.11 27.10
CA ALA F 28 -10.01 25.25 26.76
C ALA F 28 -10.35 26.37 27.69
N SER F 29 -9.31 27.06 28.19
CA SER F 29 -9.47 28.22 29.03
C SER F 29 -9.13 29.51 28.35
N SER F 30 -8.81 29.54 27.07
CA SER F 30 -8.54 30.75 26.37
C SER F 30 -8.76 30.48 24.90
N ALA F 31 -8.83 31.58 24.15
CA ALA F 31 -9.07 31.58 22.78
C ALA F 31 -7.96 30.85 22.14
N GLU F 32 -6.72 31.05 22.61
CA GLU F 32 -5.62 30.43 21.92
C GLU F 32 -5.48 28.90 22.24
N GLU F 33 -5.96 28.47 23.39
CA GLU F 33 -6.13 27.06 23.65
C GLU F 33 -7.17 26.42 22.79
N ALA F 34 -8.27 27.09 22.55
CA ALA F 34 -9.25 26.66 21.62
C ALA F 34 -8.80 26.57 20.18
N GLN F 35 -8.13 27.58 19.66
CA GLN F 35 -7.57 27.46 18.35
C GLN F 35 -6.49 26.28 18.22
N SER F 36 -5.67 26.07 19.23
CA SER F 36 -4.75 24.87 19.21
C SER F 36 -5.54 23.57 19.03
N LEU F 37 -6.61 23.42 19.76
CA LEU F 37 -7.37 22.19 19.77
C LEU F 37 -7.99 22.04 18.44
N LEU F 38 -8.44 23.13 17.81
CA LEU F 38 -9.06 23.00 16.47
C LEU F 38 -8.05 22.51 15.51
N GLU F 39 -6.83 23.04 15.60
CA GLU F 39 -5.72 22.59 14.71
C GLU F 39 -5.42 21.14 14.90
N THR F 40 -5.40 20.73 16.17
CA THR F 40 -5.13 19.28 16.48
C THR F 40 -6.27 18.35 15.84
N LEU F 41 -7.55 18.76 15.96
CA LEU F 41 -8.67 18.01 15.39
C LEU F 41 -8.65 18.04 13.93
N VAL F 42 -8.31 19.20 13.37
CA VAL F 42 -8.24 19.30 11.87
C VAL F 42 -7.22 18.34 11.35
N GLU F 43 -6.10 18.38 12.01
CA GLU F 43 -4.93 17.52 11.69
C GLU F 43 -5.24 16.02 11.90
N ARG F 44 -5.98 15.62 12.95
CA ARG F 44 -6.42 14.18 13.00
C ARG F 44 -7.24 13.75 11.78
N GLY F 45 -8.21 14.57 11.44
CA GLY F 45 -8.94 14.47 10.16
C GLY F 45 -10.36 13.89 10.26
N GLY F 46 -10.81 13.37 11.37
CA GLY F 46 -12.20 12.70 11.17
C GLY F 46 -13.59 13.53 11.10
N TYR F 47 -13.56 14.58 11.89
CA TYR F 47 -14.68 15.34 12.53
C TYR F 47 -15.50 16.00 11.52
N ALA F 48 -16.79 15.78 11.53
CA ALA F 48 -17.64 16.45 10.58
C ALA F 48 -17.92 17.93 11.10
N LEU F 49 -17.78 18.04 12.39
CA LEU F 49 -18.27 19.19 13.13
C LEU F 49 -17.55 19.46 14.48
N VAL F 50 -17.26 20.72 14.70
CA VAL F 50 -16.65 21.23 15.96
C VAL F 50 -17.52 22.35 16.52
N ALA F 51 -18.25 22.06 17.60
CA ALA F 51 -19.03 23.03 18.30
C ALA F 51 -18.07 23.74 19.34
N VAL F 52 -17.96 25.07 19.33
CA VAL F 52 -17.10 25.83 20.22
C VAL F 52 -17.93 26.83 21.03
N ASP F 53 -17.67 26.92 22.33
CA ASP F 53 -18.38 28.01 23.09
C ASP F 53 -17.96 29.35 22.47
N GLU F 54 -18.90 30.19 22.08
CA GLU F 54 -18.67 31.54 21.52
C GLU F 54 -17.65 32.44 22.28
N ALA F 55 -17.60 32.28 23.60
CA ALA F 55 -16.71 33.02 24.47
C ALA F 55 -15.27 32.68 24.19
N LEU F 56 -15.01 31.56 23.55
CA LEU F 56 -13.67 31.13 23.20
C LEU F 56 -13.31 31.36 21.75
N LEU F 57 -14.15 32.06 21.02
CA LEU F 57 -13.97 32.18 19.61
C LEU F 57 -14.27 33.64 19.20
N PRO F 58 -13.33 34.54 19.42
CA PRO F 58 -13.43 35.93 19.22
C PRO F 58 -13.88 36.26 17.81
N ASP F 59 -13.34 35.54 16.78
CA ASP F 59 -13.58 35.88 15.40
C ASP F 59 -13.60 34.54 14.68
N PRO F 60 -14.79 33.93 14.39
CA PRO F 60 -14.74 32.62 13.63
C PRO F 60 -14.20 32.58 12.18
N GLU F 61 -14.30 33.69 11.43
CA GLU F 61 -13.70 33.72 10.12
C GLU F 61 -12.19 33.85 10.23
N ARG F 62 -11.70 34.53 11.26
CA ARG F 62 -10.31 34.43 11.53
C ARG F 62 -9.89 33.02 11.89
N ALA F 63 -10.73 32.31 12.64
CA ALA F 63 -10.39 31.01 13.07
C ALA F 63 -10.16 30.03 11.84
N VAL F 64 -11.08 30.10 10.92
CA VAL F 64 -11.04 29.36 9.67
C VAL F 64 -9.82 29.81 8.82
N GLU F 65 -9.57 31.14 8.77
CA GLU F 65 -8.51 31.61 7.98
C GLU F 65 -7.19 31.06 8.57
N ARG F 66 -7.05 31.05 9.89
CA ARG F 66 -5.86 30.41 10.47
C ARG F 66 -5.70 28.85 10.18
N LEU F 67 -6.80 28.13 10.26
CA LEU F 67 -6.87 26.70 9.82
C LEU F 67 -6.40 26.45 8.37
N MET F 68 -6.82 27.26 7.43
CA MET F 68 -6.45 27.06 6.04
C MET F 68 -5.08 27.50 5.73
N ARG F 69 -4.76 28.59 6.35
CA ARG F 69 -3.89 29.60 5.80
C ARG F 69 -2.79 29.83 6.83
N GLY F 70 -2.32 28.80 7.54
CA GLY F 70 -1.40 29.06 8.66
C GLY F 70 -0.39 28.00 9.03
N ARG F 71 -0.70 26.76 8.70
CA ARG F 71 0.23 25.69 8.96
C ARG F 71 1.59 25.95 8.19
N ASP F 72 2.69 25.36 8.72
CA ASP F 72 4.08 25.69 8.34
C ASP F 72 4.49 25.06 7.01
N LEU F 73 4.87 25.87 6.04
CA LEU F 73 5.09 25.39 4.67
C LEU F 73 6.56 24.97 4.39
N PRO F 74 6.72 23.94 3.51
CA PRO F 74 7.91 23.58 2.64
C PRO F 74 8.37 24.80 1.86
N VAL F 75 9.64 25.22 1.86
CA VAL F 75 10.09 26.19 0.86
C VAL F 75 9.77 25.58 -0.53
N LEU F 76 9.48 26.42 -1.51
CA LEU F 76 9.03 25.94 -2.81
C LEU F 76 9.91 26.53 -3.85
N LEU F 77 10.62 25.66 -4.55
CA LEU F 77 11.71 26.10 -5.33
C LEU F 77 11.59 25.64 -6.83
N PRO F 78 11.14 26.56 -7.68
CA PRO F 78 11.16 26.25 -9.14
C PRO F 78 12.64 26.14 -9.60
N ILE F 79 13.02 25.09 -10.33
CA ILE F 79 14.46 24.97 -10.82
C ILE F 79 14.49 24.74 -12.31
N ALA F 80 15.44 25.43 -12.93
CA ALA F 80 15.85 25.23 -14.31
C ALA F 80 16.98 24.20 -14.40
N GLY F 81 16.81 23.20 -15.27
CA GLY F 81 17.85 22.20 -15.53
C GLY F 81 18.08 21.15 -14.45
N LEU F 82 17.02 20.54 -13.96
CA LEU F 82 17.18 19.35 -13.11
C LEU F 82 17.76 18.13 -13.86
N LYS F 83 17.44 18.03 -15.16
CA LYS F 83 17.99 16.99 -16.00
C LYS F 83 19.52 16.98 -15.92
N GLU F 84 20.06 18.16 -15.75
CA GLU F 84 21.48 18.34 -15.82
C GLU F 84 22.20 17.79 -14.60
N ALA F 85 21.46 17.32 -13.60
CA ALA F 85 22.03 16.76 -12.38
C ALA F 85 22.54 15.29 -12.49
N PHE F 86 22.26 14.63 -13.62
CA PHE F 86 22.66 13.26 -13.83
C PHE F 86 23.86 13.33 -14.68
N GLN F 87 23.83 14.30 -15.60
CA GLN F 87 24.91 14.47 -16.57
C GLN F 87 26.11 15.07 -15.89
N GLY F 88 26.08 15.14 -14.54
CA GLY F 88 27.28 15.04 -13.71
C GLY F 88 27.65 13.57 -13.44
N HIS F 89 27.94 13.23 -12.18
CA HIS F 89 28.16 11.84 -11.75
C HIS F 89 27.83 11.68 -10.26
N ASP F 90 27.16 12.67 -9.68
CA ASP F 90 26.94 12.72 -8.22
C ASP F 90 25.69 13.58 -7.90
N VAL F 91 24.53 13.12 -8.37
CA VAL F 91 23.25 13.85 -8.27
C VAL F 91 23.03 14.46 -6.90
N GLU F 92 23.29 13.66 -5.87
CA GLU F 92 23.00 14.07 -4.48
C GLU F 92 23.67 15.38 -4.11
N GLY F 93 24.89 15.58 -4.62
CA GLY F 93 25.72 16.73 -4.28
C GLY F 93 25.60 17.88 -5.25
N TYR F 94 25.45 17.54 -6.53
CA TYR F 94 24.98 18.52 -7.48
C TYR F 94 23.69 19.19 -6.97
N MET F 95 22.86 18.44 -6.28
CA MET F 95 21.59 18.96 -5.74
C MET F 95 21.82 19.82 -4.47
N ARG F 96 22.71 19.38 -3.60
CA ARG F 96 23.09 20.16 -2.42
C ARG F 96 23.58 21.57 -2.85
N GLU F 97 24.43 21.55 -3.93
CA GLU F 97 24.97 22.82 -4.42
C GLU F 97 23.91 23.68 -5.11
N LEU F 98 23.07 23.06 -5.90
CA LEU F 98 22.04 23.82 -6.61
C LEU F 98 20.97 24.50 -5.69
N VAL F 99 20.62 23.90 -4.56
CA VAL F 99 19.71 24.53 -3.60
C VAL F 99 20.45 25.55 -2.75
N ARG F 100 21.66 25.24 -2.31
CA ARG F 100 22.35 26.27 -1.63
C ARG F 100 22.40 27.41 -2.64
N LYS F 101 22.75 27.06 -3.87
CA LYS F 101 23.07 28.04 -4.94
C LYS F 101 22.00 29.09 -5.00
N THR F 102 20.77 28.58 -5.01
CA THR F 102 19.58 29.37 -5.16
C THR F 102 19.22 30.14 -3.90
N ILE F 103 18.63 29.43 -2.94
CA ILE F 103 18.08 30.10 -1.79
C ILE F 103 19.20 30.76 -0.95
N GLY F 104 20.41 30.20 -0.99
CA GLY F 104 21.43 30.57 -0.03
C GLY F 104 21.01 29.86 1.24
N PHE F 105 21.72 28.80 1.57
CA PHE F 105 21.45 27.96 2.72
C PHE F 105 22.09 26.66 2.39
N ASP F 106 23.20 26.30 3.03
CA ASP F 106 23.75 24.97 2.79
C ASP F 106 22.91 23.93 3.55
N ILE F 107 21.78 23.53 2.96
CA ILE F 107 20.82 22.73 3.70
C ILE F 107 21.36 21.32 4.00
N LYS F 108 20.95 20.88 5.19
CA LYS F 108 21.30 19.62 5.78
C LYS F 108 20.55 18.44 5.12
N LEU F 109 21.02 18.02 3.95
CA LEU F 109 20.44 16.85 3.26
C LEU F 109 21.02 15.48 3.75
#